data_4QFW
#
_entry.id   4QFW
#
_cell.length_a   51.230
_cell.length_b   171.620
_cell.length_c   73.700
_cell.angle_alpha   90.00
_cell.angle_beta   109.62
_cell.angle_gamma   90.00
#
_symmetry.space_group_name_H-M   'P 1 21 1'
#
loop_
_entity.id
_entity.type
_entity.pdbx_description
1 polymer 'Acyl-CoA thioesterase II'
2 water water
#
_entity_poly.entity_id   1
_entity_poly.type   'polypeptide(L)'
_entity_poly.pdbx_seq_one_letter_code
;MSQALEKLLDLLDLEKIEEGIFRGQSEDLGLRQVFGGQVVGQAIYAAKQTVPAERTVHSFHSYFLRPGDSSKPIIYDVET
LRDGNSFSARRVSAIQNGKPIFYMTASFQSQEEGFEHQNTMPDVPPPEGLMSETDIARQFSHLIPEKVREKFIGPQPIEM
RPVKFHNPLQGSVEEPNRYVWFRANGKMPDDLRVHQYLLGYASDFNFLPTALQPHGIGFLEPGMQIATIDHSMWFHRPFR
LDDWLLYAVESTSASGARGFVRGQIYNREGVLVASTVQEGVIRLHRSN
;
_entity_poly.pdbx_strand_id   A,B,C,D
#
# COMPACT_ATOMS: atom_id res chain seq x y z
N ALA A 4 -12.83 -29.38 -22.70
CA ALA A 4 -13.73 -28.46 -21.89
C ALA A 4 -13.24 -28.28 -20.44
N LEU A 5 -12.90 -29.42 -19.83
CA LEU A 5 -12.09 -29.49 -18.60
C LEU A 5 -10.71 -28.97 -18.91
N GLU A 6 -10.10 -29.55 -19.95
CA GLU A 6 -8.82 -29.14 -20.45
C GLU A 6 -8.74 -27.61 -20.58
N LYS A 7 -9.79 -27.02 -21.11
CA LYS A 7 -9.87 -25.59 -21.32
C LYS A 7 -10.07 -24.81 -20.01
N LEU A 8 -10.86 -25.38 -19.12
CA LEU A 8 -10.99 -24.76 -17.81
C LEU A 8 -9.64 -24.81 -17.08
N LEU A 9 -8.98 -25.96 -17.11
CA LEU A 9 -7.71 -26.09 -16.40
C LEU A 9 -6.67 -25.15 -16.92
N ASP A 10 -6.61 -25.03 -18.26
CA ASP A 10 -5.72 -24.07 -18.94
C ASP A 10 -5.99 -22.65 -18.48
N LEU A 11 -7.24 -22.32 -18.32
CA LEU A 11 -7.68 -20.99 -17.87
C LEU A 11 -7.38 -20.67 -16.35
N LEU A 12 -7.42 -21.68 -15.51
CA LEU A 12 -7.01 -21.57 -14.08
C LEU A 12 -5.49 -21.55 -13.89
N ASP A 13 -4.75 -21.96 -14.92
CA ASP A 13 -3.27 -21.87 -15.02
C ASP A 13 -2.86 -20.49 -15.59
N LEU A 14 -2.51 -19.55 -14.71
CA LEU A 14 -2.39 -18.16 -15.09
C LEU A 14 -1.06 -17.86 -15.73
N GLU A 15 -1.07 -16.77 -16.49
CA GLU A 15 0.13 -16.18 -17.08
C GLU A 15 0.86 -15.34 -16.08
N LYS A 16 2.11 -15.63 -15.81
CA LYS A 16 2.98 -14.86 -14.92
C LYS A 16 3.50 -13.57 -15.54
N ILE A 17 3.13 -12.43 -14.96
CA ILE A 17 3.70 -11.10 -15.34
C ILE A 17 4.94 -10.74 -14.53
N GLU A 18 4.91 -11.05 -13.25
CA GLU A 18 6.11 -10.79 -12.42
C GLU A 18 5.85 -11.55 -11.15
N GLU A 19 6.76 -11.49 -10.15
CA GLU A 19 6.54 -12.20 -8.89
C GLU A 19 5.25 -11.62 -8.32
N GLY A 20 4.30 -12.49 -8.12
CA GLY A 20 3.06 -12.08 -7.50
C GLY A 20 2.19 -11.15 -8.34
N ILE A 21 2.43 -11.12 -9.64
CA ILE A 21 1.50 -10.44 -10.58
C ILE A 21 1.19 -11.46 -11.67
N PHE A 22 -0.08 -11.85 -11.74
CA PHE A 22 -0.55 -12.81 -12.74
C PHE A 22 -1.70 -12.24 -13.57
N ARG A 23 -1.90 -12.79 -14.76
CA ARG A 23 -3.00 -12.36 -15.64
C ARG A 23 -3.83 -13.60 -16.07
N GLY A 24 -5.13 -13.55 -15.80
CA GLY A 24 -6.06 -14.59 -16.17
C GLY A 24 -7.07 -14.16 -17.23
N GLN A 25 -7.39 -15.08 -18.12
CA GLN A 25 -8.42 -14.94 -19.08
C GLN A 25 -9.73 -15.44 -18.43
N SER A 26 -10.86 -15.25 -19.12
CA SER A 26 -12.18 -15.66 -18.62
C SER A 26 -12.95 -16.67 -19.52
N GLU A 27 -13.90 -17.41 -18.92
CA GLU A 27 -14.62 -18.48 -19.65
C GLU A 27 -15.46 -17.88 -20.75
N GLN A 33 -21.09 -11.67 -17.38
CA GLN A 33 -20.40 -11.53 -16.07
C GLN A 33 -19.67 -12.82 -15.61
N VAL A 34 -18.47 -12.67 -15.08
CA VAL A 34 -17.60 -13.82 -14.79
C VAL A 34 -18.20 -14.66 -13.65
N PHE A 35 -18.15 -15.97 -13.80
CA PHE A 35 -18.51 -16.93 -12.75
C PHE A 35 -17.61 -16.70 -11.50
N GLY A 36 -18.18 -16.55 -10.33
CA GLY A 36 -17.37 -16.35 -9.11
C GLY A 36 -16.31 -17.41 -8.88
N GLY A 37 -16.64 -18.67 -9.20
CA GLY A 37 -15.72 -19.76 -9.07
C GLY A 37 -14.46 -19.65 -9.93
N GLN A 38 -14.55 -18.98 -11.10
CA GLN A 38 -13.40 -18.71 -11.91
C GLN A 38 -12.40 -17.82 -11.18
N VAL A 39 -12.89 -16.70 -10.62
CA VAL A 39 -12.07 -15.72 -9.85
C VAL A 39 -11.44 -16.43 -8.60
N VAL A 40 -12.22 -17.27 -7.95
CA VAL A 40 -11.74 -18.05 -6.78
C VAL A 40 -10.61 -18.97 -7.15
N GLY A 41 -10.83 -19.79 -8.20
CA GLY A 41 -9.81 -20.71 -8.68
C GLY A 41 -8.50 -20.04 -9.09
N GLN A 42 -8.63 -19.01 -9.92
CA GLN A 42 -7.55 -18.20 -10.39
C GLN A 42 -6.78 -17.55 -9.22
N ALA A 43 -7.48 -17.05 -8.20
CA ALA A 43 -6.83 -16.40 -7.06
C ALA A 43 -6.04 -17.37 -6.22
N ILE A 44 -6.59 -18.58 -6.10
CA ILE A 44 -5.85 -19.67 -5.45
C ILE A 44 -4.56 -19.97 -6.15
N TYR A 45 -4.61 -20.08 -7.48
CA TYR A 45 -3.42 -20.32 -8.29
C TYR A 45 -2.43 -19.20 -8.06
N ALA A 46 -2.90 -17.99 -8.15
CA ALA A 46 -2.01 -16.82 -8.00
C ALA A 46 -1.28 -16.88 -6.64
N ALA A 47 -2.02 -17.05 -5.55
CA ALA A 47 -1.44 -17.08 -4.19
C ALA A 47 -0.46 -18.21 -4.01
N LYS A 48 -0.81 -19.37 -4.54
CA LYS A 48 -0.01 -20.58 -4.37
C LYS A 48 1.35 -20.45 -5.06
N GLN A 49 1.41 -19.78 -6.20
CA GLN A 49 2.74 -19.48 -6.81
C GLN A 49 3.74 -18.72 -5.94
N THR A 50 3.27 -17.97 -4.96
CA THR A 50 4.11 -17.09 -4.14
C THR A 50 4.50 -17.74 -2.81
N VAL A 51 4.12 -19.00 -2.64
CA VAL A 51 4.33 -19.72 -1.39
C VAL A 51 5.36 -20.84 -1.60
N PRO A 52 6.10 -21.25 -0.56
CA PRO A 52 6.86 -22.51 -0.69
C PRO A 52 6.03 -23.72 -1.19
N ALA A 53 6.64 -24.57 -2.01
CA ALA A 53 5.95 -25.59 -2.78
C ALA A 53 5.23 -26.60 -1.90
N GLU A 54 5.82 -26.88 -0.75
CA GLU A 54 5.30 -27.84 0.16
C GLU A 54 4.09 -27.31 0.95
N ARG A 55 3.92 -25.99 1.04
CA ARG A 55 2.86 -25.46 1.89
C ARG A 55 1.60 -25.33 1.05
N THR A 56 0.64 -26.20 1.26
CA THR A 56 -0.56 -26.17 0.43
C THR A 56 -1.69 -25.39 1.11
N VAL A 57 -2.65 -24.92 0.31
CA VAL A 57 -3.77 -24.15 0.87
C VAL A 57 -4.64 -24.90 1.86
N HIS A 58 -4.91 -24.28 3.00
CA HIS A 58 -5.81 -24.86 3.97
C HIS A 58 -7.06 -23.98 4.23
N SER A 59 -7.00 -22.67 3.90
CA SER A 59 -8.17 -21.81 4.09
C SER A 59 -8.11 -20.59 3.20
N PHE A 60 -9.27 -20.04 2.92
CA PHE A 60 -9.31 -18.70 2.37
C PHE A 60 -10.58 -18.00 2.69
N HIS A 61 -10.54 -16.67 2.70
CA HIS A 61 -11.71 -15.86 2.81
C HIS A 61 -11.70 -14.88 1.65
N SER A 62 -12.86 -14.65 1.05
CA SER A 62 -12.96 -13.67 -0.03
C SER A 62 -14.20 -12.82 0.03
N TYR A 63 -14.07 -11.60 -0.50
CA TYR A 63 -15.19 -10.67 -0.77
C TYR A 63 -15.23 -10.27 -2.26
N PHE A 64 -16.41 -10.30 -2.84
CA PHE A 64 -16.66 -9.90 -4.21
C PHE A 64 -17.18 -8.48 -4.11
N LEU A 65 -16.53 -7.51 -4.76
CA LEU A 65 -16.97 -6.08 -4.60
C LEU A 65 -17.65 -5.51 -5.86
N ARG A 66 -17.25 -6.00 -7.03
CA ARG A 66 -17.75 -5.52 -8.29
C ARG A 66 -17.90 -6.72 -9.23
N PRO A 67 -18.76 -6.60 -10.24
CA PRO A 67 -18.84 -7.73 -11.20
C PRO A 67 -17.66 -7.76 -12.15
N GLY A 68 -17.27 -8.94 -12.57
CA GLY A 68 -16.07 -9.08 -13.39
C GLY A 68 -16.62 -9.14 -14.77
N ASP A 69 -15.88 -8.55 -15.73
CA ASP A 69 -16.29 -8.55 -17.11
C ASP A 69 -15.60 -9.72 -17.87
N SER A 70 -16.40 -10.68 -18.32
CA SER A 70 -15.93 -11.88 -19.03
C SER A 70 -15.20 -11.67 -20.34
N SER A 71 -15.21 -10.46 -20.87
CA SER A 71 -14.59 -10.22 -22.17
C SER A 71 -13.20 -9.63 -21.99
N LYS A 72 -12.72 -9.48 -20.74
CA LYS A 72 -11.50 -8.75 -20.46
C LYS A 72 -10.64 -9.55 -19.50
N PRO A 73 -9.31 -9.45 -19.62
CA PRO A 73 -8.46 -10.18 -18.66
C PRO A 73 -8.66 -9.69 -17.23
N ILE A 74 -8.25 -10.52 -16.27
CA ILE A 74 -8.25 -10.12 -14.90
C ILE A 74 -6.82 -10.23 -14.41
N ILE A 75 -6.31 -9.15 -13.82
CA ILE A 75 -4.97 -9.16 -13.18
C ILE A 75 -5.07 -9.54 -11.69
N TYR A 76 -4.22 -10.48 -11.28
CA TYR A 76 -4.15 -10.97 -9.90
C TYR A 76 -2.85 -10.51 -9.26
N ASP A 77 -2.94 -9.58 -8.33
CA ASP A 77 -1.81 -9.06 -7.54
C ASP A 77 -1.78 -9.75 -6.21
N VAL A 78 -0.61 -10.27 -5.82
CA VAL A 78 -0.53 -11.11 -4.63
C VAL A 78 0.43 -10.40 -3.62
N GLU A 79 -0.10 -10.03 -2.45
CA GLU A 79 0.68 -9.38 -1.38
C GLU A 79 1.05 -10.45 -0.39
N THR A 80 2.34 -10.55 -0.11
CA THR A 80 2.92 -11.46 0.87
C THR A 80 2.65 -10.88 2.27
N LEU A 81 1.77 -11.49 3.03
CA LEU A 81 1.40 -10.97 4.38
C LEU A 81 2.36 -11.46 5.45
N ARG A 82 2.66 -12.74 5.42
CA ARG A 82 3.54 -13.35 6.42
C ARG A 82 4.00 -14.70 5.99
N ASP A 83 5.24 -15.02 6.36
CA ASP A 83 5.75 -16.34 6.25
C ASP A 83 6.34 -16.70 7.62
N GLY A 84 5.68 -17.62 8.31
CA GLY A 84 6.05 -18.05 9.65
C GLY A 84 6.68 -19.42 9.71
N ASN A 85 6.66 -20.02 10.89
CA ASN A 85 7.36 -21.30 11.02
C ASN A 85 6.50 -22.38 10.43
N SER A 86 5.20 -22.13 10.39
CA SER A 86 4.22 -23.10 9.84
C SER A 86 3.40 -22.50 8.67
N PHE A 87 2.91 -21.28 8.87
CA PHE A 87 1.94 -20.63 8.00
C PHE A 87 2.50 -19.57 7.06
N SER A 88 1.96 -19.54 5.81
CA SER A 88 2.24 -18.49 4.82
C SER A 88 0.88 -17.91 4.45
N ALA A 89 0.75 -16.60 4.56
CA ALA A 89 -0.50 -15.91 4.26
C ALA A 89 -0.31 -14.90 3.15
N ARG A 90 -1.29 -14.82 2.30
CA ARG A 90 -1.24 -14.00 1.10
C ARG A 90 -2.57 -13.31 0.86
N ARG A 91 -2.52 -12.06 0.39
CA ARG A 91 -3.74 -11.40 -0.02
C ARG A 91 -3.72 -11.17 -1.56
N VAL A 92 -4.75 -11.69 -2.23
CA VAL A 92 -4.88 -11.56 -3.71
C VAL A 92 -5.90 -10.47 -4.02
N SER A 93 -5.54 -9.54 -4.92
CA SER A 93 -6.51 -8.55 -5.45
C SER A 93 -6.77 -8.89 -6.93
N ALA A 94 -8.02 -9.11 -7.31
CA ALA A 94 -8.39 -9.30 -8.67
C ALA A 94 -8.79 -7.93 -9.25
N ILE A 95 -8.08 -7.51 -10.28
CA ILE A 95 -8.20 -6.14 -10.84
C ILE A 95 -8.63 -6.16 -12.31
N GLN A 96 -9.56 -5.27 -12.62
CA GLN A 96 -10.04 -5.05 -13.98
C GLN A 96 -10.37 -3.57 -14.15
N ASN A 97 -9.91 -2.97 -15.24
CA ASN A 97 -9.99 -1.53 -15.50
C ASN A 97 -9.54 -0.71 -14.31
N GLY A 98 -8.42 -1.07 -13.71
CA GLY A 98 -7.86 -0.35 -12.57
C GLY A 98 -8.63 -0.39 -11.25
N LYS A 99 -9.61 -1.29 -11.12
CA LYS A 99 -10.45 -1.37 -9.93
C LYS A 99 -10.48 -2.78 -9.44
N PRO A 100 -10.44 -2.96 -8.13
CA PRO A 100 -10.58 -4.31 -7.57
C PRO A 100 -11.98 -4.82 -7.69
N ILE A 101 -12.12 -6.03 -8.20
CA ILE A 101 -13.43 -6.71 -8.29
C ILE A 101 -13.64 -7.74 -7.21
N PHE A 102 -12.57 -8.06 -6.48
CA PHE A 102 -12.52 -9.18 -5.53
C PHE A 102 -11.23 -9.15 -4.76
N TYR A 103 -11.32 -9.44 -3.48
CA TYR A 103 -10.11 -9.69 -2.67
C TYR A 103 -10.21 -11.05 -1.97
N MET A 104 -9.09 -11.76 -1.90
CA MET A 104 -8.96 -13.02 -1.12
C MET A 104 -7.76 -13.01 -0.24
N THR A 105 -7.92 -13.34 1.04
CA THR A 105 -6.76 -13.73 1.86
C THR A 105 -6.73 -15.22 2.08
N ALA A 106 -5.63 -15.83 1.73
CA ALA A 106 -5.50 -17.28 1.84
C ALA A 106 -4.28 -17.67 2.72
N SER A 107 -4.39 -18.80 3.38
CA SER A 107 -3.29 -19.35 4.23
C SER A 107 -2.88 -20.74 3.83
N PHE A 108 -1.62 -21.02 4.06
CA PHE A 108 -0.97 -22.23 3.47
C PHE A 108 -0.13 -22.86 4.54
N GLN A 109 -0.15 -24.19 4.61
CA GLN A 109 0.54 -24.99 5.70
C GLN A 109 1.14 -26.23 5.13
N SER A 110 2.29 -26.58 5.68
CA SER A 110 2.95 -27.82 5.35
C SER A 110 2.11 -29.03 5.86
N GLN A 111 1.97 -30.11 5.07
CA GLN A 111 1.25 -31.30 5.56
C GLN A 111 2.00 -31.93 6.75
N GLU A 112 1.22 -32.44 7.71
CA GLU A 112 1.73 -32.89 8.99
C GLU A 112 0.63 -33.69 9.70
N GLU A 113 0.96 -34.82 10.35
CA GLU A 113 -0.06 -35.65 11.03
C GLU A 113 -0.41 -35.10 12.39
N GLY A 114 -1.71 -35.08 12.70
CA GLY A 114 -2.17 -34.56 13.98
C GLY A 114 -3.48 -35.18 14.40
N PHE A 115 -4.15 -34.54 15.34
CA PHE A 115 -5.44 -35.03 15.81
C PHE A 115 -6.42 -35.11 14.67
N GLU A 116 -7.16 -36.23 14.65
CA GLU A 116 -8.13 -36.51 13.60
C GLU A 116 -9.50 -36.79 14.13
N HIS A 117 -10.52 -36.06 13.62
CA HIS A 117 -11.90 -36.43 13.84
C HIS A 117 -12.72 -35.64 12.80
N GLN A 118 -13.97 -36.10 12.56
CA GLN A 118 -14.90 -35.49 11.57
C GLN A 118 -16.31 -35.91 11.88
N ASN A 119 -17.25 -35.15 11.36
CA ASN A 119 -18.63 -35.57 11.41
C ASN A 119 -18.94 -36.65 10.36
N THR A 120 -20.21 -37.00 10.25
CA THR A 120 -20.72 -37.99 9.30
C THR A 120 -21.36 -37.43 8.06
N MET A 121 -20.98 -37.98 6.93
CA MET A 121 -21.57 -37.60 5.65
C MET A 121 -23.06 -37.93 5.64
N PRO A 122 -23.91 -37.05 5.07
CA PRO A 122 -25.31 -37.41 5.07
C PRO A 122 -25.60 -38.67 4.26
N ASP A 123 -26.69 -39.34 4.62
CA ASP A 123 -27.19 -40.51 3.88
C ASP A 123 -27.85 -39.99 2.59
N VAL A 124 -27.29 -40.29 1.43
CA VAL A 124 -27.93 -39.87 0.21
C VAL A 124 -27.86 -41.01 -0.79
N PRO A 125 -28.60 -40.91 -1.89
CA PRO A 125 -28.39 -41.83 -3.01
C PRO A 125 -26.98 -41.71 -3.66
N PRO A 126 -26.36 -42.82 -4.06
CA PRO A 126 -25.09 -42.73 -4.75
C PRO A 126 -25.25 -42.05 -6.11
N PRO A 127 -24.12 -41.74 -6.76
CA PRO A 127 -24.20 -41.03 -8.02
C PRO A 127 -24.72 -41.87 -9.17
N GLU A 128 -24.32 -43.14 -9.22
CA GLU A 128 -24.57 -44.05 -10.40
C GLU A 128 -26.01 -43.93 -10.84
N GLY A 129 -26.91 -44.00 -9.88
CA GLY A 129 -28.34 -43.91 -10.17
C GLY A 129 -28.87 -42.62 -10.78
N LEU A 130 -28.14 -41.49 -10.61
CA LEU A 130 -28.72 -40.16 -10.78
C LEU A 130 -28.36 -39.57 -12.10
N MET A 131 -29.25 -38.73 -12.60
CA MET A 131 -29.08 -38.05 -13.86
C MET A 131 -28.22 -36.80 -13.69
N SER A 132 -27.33 -36.54 -14.64
CA SER A 132 -26.56 -35.29 -14.68
C SER A 132 -27.43 -34.08 -15.04
N GLU A 133 -26.90 -32.89 -14.75
CA GLU A 133 -27.53 -31.64 -15.16
C GLU A 133 -27.59 -31.44 -16.66
N THR A 134 -26.53 -31.86 -17.34
CA THR A 134 -26.49 -31.87 -18.80
C THR A 134 -27.56 -32.81 -19.38
N ASP A 135 -27.78 -33.92 -18.71
CA ASP A 135 -28.79 -34.85 -19.15
C ASP A 135 -30.21 -34.36 -18.81
N ILE A 136 -30.40 -33.72 -17.65
CA ILE A 136 -31.72 -33.18 -17.31
C ILE A 136 -32.07 -32.02 -18.28
N ALA A 137 -31.05 -31.41 -18.88
CA ALA A 137 -31.24 -30.43 -19.97
C ALA A 137 -31.89 -31.03 -21.22
N ARG A 138 -31.68 -32.32 -21.48
CA ARG A 138 -32.36 -33.06 -22.56
C ARG A 138 -33.87 -33.23 -22.30
N GLN A 139 -34.29 -33.11 -21.04
CA GLN A 139 -35.67 -33.37 -20.60
C GLN A 139 -36.04 -34.82 -20.88
N GLY A 154 -23.08 -28.98 -25.27
CA GLY A 154 -21.65 -28.99 -24.98
C GLY A 154 -21.35 -29.55 -23.61
N PRO A 155 -20.34 -30.43 -23.52
CA PRO A 155 -20.03 -31.02 -22.21
C PRO A 155 -19.56 -29.93 -21.22
N GLN A 156 -19.99 -30.04 -19.96
CA GLN A 156 -19.50 -29.18 -18.89
C GLN A 156 -18.21 -29.72 -18.27
N PRO A 157 -17.33 -28.81 -17.80
CA PRO A 157 -16.03 -29.21 -17.25
C PRO A 157 -16.19 -30.09 -16.00
N ILE A 158 -17.23 -29.82 -15.26
CA ILE A 158 -17.56 -30.56 -14.06
C ILE A 158 -18.96 -31.14 -14.18
N GLU A 159 -19.07 -32.45 -14.09
CA GLU A 159 -20.39 -33.12 -14.16
C GLU A 159 -21.07 -33.04 -12.79
N MET A 160 -22.29 -32.56 -12.76
CA MET A 160 -23.08 -32.44 -11.53
C MET A 160 -24.22 -33.42 -11.61
N ARG A 161 -24.46 -34.18 -10.55
CA ARG A 161 -25.64 -35.05 -10.47
C ARG A 161 -26.40 -34.73 -9.19
N PRO A 162 -27.46 -33.91 -9.27
CA PRO A 162 -28.25 -33.59 -8.11
C PRO A 162 -29.04 -34.78 -7.59
N VAL A 163 -29.33 -34.73 -6.29
CA VAL A 163 -30.21 -35.66 -5.63
C VAL A 163 -31.67 -35.26 -5.91
N LYS A 164 -31.92 -33.95 -5.87
CA LYS A 164 -33.19 -33.39 -6.26
C LYS A 164 -32.96 -32.21 -7.20
N PHE A 165 -33.68 -32.19 -8.32
CA PHE A 165 -33.58 -31.11 -9.29
C PHE A 165 -34.33 -29.88 -8.78
N HIS A 166 -33.68 -28.73 -8.84
CA HIS A 166 -34.25 -27.47 -8.42
C HIS A 166 -34.25 -26.54 -9.60
N ASN A 167 -35.38 -26.43 -10.27
CA ASN A 167 -35.51 -25.63 -11.51
C ASN A 167 -35.29 -24.15 -11.21
N PRO A 168 -34.26 -23.56 -11.86
CA PRO A 168 -33.94 -22.13 -11.67
C PRO A 168 -35.01 -21.16 -12.13
N LEU A 169 -35.96 -21.65 -12.94
CA LEU A 169 -37.06 -20.81 -13.47
C LEU A 169 -38.42 -21.01 -12.80
N GLN A 170 -38.53 -22.02 -11.96
CA GLN A 170 -39.72 -22.15 -11.11
C GLN A 170 -39.32 -22.83 -9.84
N GLY A 171 -39.39 -22.10 -8.75
CA GLY A 171 -39.05 -22.69 -7.48
C GLY A 171 -40.19 -23.59 -7.00
N SER A 172 -39.98 -24.22 -5.88
CA SER A 172 -41.06 -24.80 -5.15
C SER A 172 -40.59 -24.79 -3.73
N VAL A 173 -41.50 -24.57 -2.81
CA VAL A 173 -41.15 -24.46 -1.39
C VAL A 173 -40.57 -25.80 -0.98
N GLU A 174 -39.31 -25.79 -0.58
CA GLU A 174 -38.55 -26.99 -0.21
C GLU A 174 -37.71 -26.64 1.02
N GLU A 175 -37.36 -27.68 1.76
CA GLU A 175 -36.42 -27.58 2.87
C GLU A 175 -35.15 -26.82 2.39
N PRO A 176 -34.46 -26.10 3.27
CA PRO A 176 -33.24 -25.37 2.82
C PRO A 176 -31.96 -26.19 2.75
N ASN A 177 -32.00 -27.31 2.03
CA ASN A 177 -30.92 -28.29 1.95
C ASN A 177 -30.81 -28.79 0.56
N ARG A 178 -29.58 -28.97 0.09
CA ARG A 178 -29.38 -29.43 -1.24
C ARG A 178 -28.17 -30.34 -1.26
N TYR A 179 -28.27 -31.44 -2.01
CA TYR A 179 -27.19 -32.41 -2.08
C TYR A 179 -26.85 -32.61 -3.52
N VAL A 180 -25.57 -32.56 -3.86
CA VAL A 180 -25.13 -32.75 -5.27
C VAL A 180 -23.82 -33.43 -5.36
N TRP A 181 -23.81 -34.52 -6.14
CA TRP A 181 -22.58 -35.21 -6.44
C TRP A 181 -21.95 -34.53 -7.58
N PHE A 182 -20.61 -34.45 -7.58
CA PHE A 182 -19.88 -33.82 -8.68
C PHE A 182 -18.53 -34.46 -8.94
N ARG A 183 -18.11 -34.42 -10.19
CA ARG A 183 -16.86 -35.06 -10.59
C ARG A 183 -16.34 -34.38 -11.83
N ALA A 184 -15.04 -34.22 -11.87
CA ALA A 184 -14.37 -33.58 -12.98
C ALA A 184 -14.66 -34.40 -14.23
N ASN A 185 -15.15 -33.75 -15.27
CA ASN A 185 -15.48 -34.42 -16.54
C ASN A 185 -14.26 -34.73 -17.36
N GLY A 186 -13.44 -35.68 -16.87
CA GLY A 186 -12.14 -35.97 -17.46
C GLY A 186 -10.99 -36.35 -16.54
N LYS A 187 -9.85 -36.61 -17.17
CA LYS A 187 -8.64 -37.00 -16.47
C LYS A 187 -8.02 -35.77 -15.84
N MET A 188 -7.54 -35.95 -14.61
CA MET A 188 -6.91 -34.90 -13.82
C MET A 188 -5.49 -35.34 -13.63
N PRO A 189 -4.54 -34.38 -13.56
CA PRO A 189 -3.17 -34.78 -13.31
C PRO A 189 -2.95 -35.10 -11.86
N ASP A 190 -1.82 -35.72 -11.56
CA ASP A 190 -1.52 -36.23 -10.23
C ASP A 190 -1.08 -35.11 -9.24
N ASP A 191 -1.43 -33.87 -9.54
CA ASP A 191 -0.98 -32.70 -8.76
C ASP A 191 -2.13 -32.18 -7.87
N LEU A 192 -2.02 -32.35 -6.57
CA LEU A 192 -3.09 -31.98 -5.64
C LEU A 192 -3.43 -30.48 -5.74
N ARG A 193 -2.46 -29.66 -6.15
CA ARG A 193 -2.66 -28.20 -6.17
C ARG A 193 -3.76 -27.89 -7.18
N VAL A 194 -3.66 -28.52 -8.36
CA VAL A 194 -4.69 -28.38 -9.43
C VAL A 194 -6.08 -28.83 -8.95
N HIS A 195 -6.13 -29.86 -8.12
CA HIS A 195 -7.41 -30.36 -7.62
C HIS A 195 -8.00 -29.31 -6.67
N GLN A 196 -7.13 -28.64 -5.93
CA GLN A 196 -7.57 -27.59 -5.01
C GLN A 196 -8.13 -26.37 -5.75
N TYR A 197 -7.48 -25.93 -6.83
CA TYR A 197 -7.99 -24.78 -7.62
C TYR A 197 -9.37 -25.09 -8.18
N LEU A 198 -9.55 -26.34 -8.61
CA LEU A 198 -10.80 -26.78 -9.28
C LEU A 198 -11.88 -26.96 -8.26
N LEU A 199 -11.51 -27.46 -7.09
CA LEU A 199 -12.47 -27.50 -6.03
C LEU A 199 -12.88 -26.11 -5.58
N GLY A 200 -11.95 -25.15 -5.53
CA GLY A 200 -12.33 -23.76 -5.29
C GLY A 200 -13.36 -23.32 -6.32
N TYR A 201 -13.06 -23.57 -7.58
CA TYR A 201 -14.04 -23.27 -8.69
C TYR A 201 -15.36 -23.98 -8.43
N ALA A 202 -15.29 -25.28 -8.13
CA ALA A 202 -16.50 -26.10 -8.01
C ALA A 202 -17.39 -25.69 -6.81
N SER A 203 -16.76 -25.13 -5.77
CA SER A 203 -17.49 -24.76 -4.56
C SER A 203 -18.53 -23.67 -4.74
N ASP A 204 -18.41 -22.86 -5.78
CA ASP A 204 -19.40 -21.81 -6.04
C ASP A 204 -20.58 -22.23 -6.95
N PHE A 205 -20.68 -23.49 -7.36
CA PHE A 205 -21.95 -24.05 -7.92
C PHE A 205 -22.87 -24.67 -6.88
N ASN A 206 -24.17 -24.68 -7.19
CA ASN A 206 -25.16 -25.29 -6.33
C ASN A 206 -25.16 -24.86 -4.89
N PHE A 207 -24.82 -23.58 -4.69
CA PHE A 207 -24.54 -23.11 -3.37
C PHE A 207 -25.56 -22.09 -2.95
N LEU A 208 -25.31 -20.83 -3.29
CA LEU A 208 -26.16 -19.77 -2.82
C LEU A 208 -27.68 -19.98 -3.11
N PRO A 209 -28.05 -20.55 -4.26
CA PRO A 209 -29.49 -20.69 -4.55
C PRO A 209 -30.28 -21.53 -3.55
N THR A 210 -29.55 -22.33 -2.75
CA THR A 210 -30.12 -23.15 -1.71
C THR A 210 -30.92 -22.28 -0.76
N ALA A 211 -30.45 -21.06 -0.52
CA ALA A 211 -31.18 -20.09 0.34
C ALA A 211 -32.58 -19.65 -0.13
N LEU A 212 -32.90 -19.83 -1.39
CA LEU A 212 -34.20 -19.44 -1.87
C LEU A 212 -35.27 -20.55 -1.70
N GLN A 213 -34.84 -21.76 -1.38
CA GLN A 213 -35.72 -22.93 -1.41
C GLN A 213 -36.98 -22.89 -0.54
N PRO A 214 -36.87 -22.40 0.69
CA PRO A 214 -38.06 -22.22 1.51
C PRO A 214 -39.01 -21.17 0.95
N HIS A 215 -38.54 -20.31 0.03
CA HIS A 215 -39.36 -19.18 -0.47
C HIS A 215 -39.98 -19.44 -1.82
N GLY A 216 -39.59 -20.51 -2.47
CA GLY A 216 -40.30 -20.95 -3.66
C GLY A 216 -39.94 -20.28 -4.96
N ILE A 217 -38.84 -19.55 -4.98
CA ILE A 217 -38.39 -18.80 -6.16
C ILE A 217 -37.09 -19.36 -6.70
N GLY A 218 -37.05 -19.57 -8.01
CA GLY A 218 -35.83 -20.07 -8.65
C GLY A 218 -34.91 -18.89 -8.86
N PHE A 219 -33.62 -19.17 -8.92
CA PHE A 219 -32.63 -18.09 -8.84
C PHE A 219 -32.55 -17.30 -10.14
N LEU A 220 -33.05 -17.86 -11.22
CA LEU A 220 -33.05 -17.16 -12.51
C LEU A 220 -34.43 -16.65 -12.92
N GLU A 221 -35.39 -16.66 -12.00
CA GLU A 221 -36.68 -16.03 -12.27
C GLU A 221 -36.61 -14.53 -12.46
N PRO A 222 -37.44 -13.97 -13.36
CA PRO A 222 -37.57 -12.52 -13.54
C PRO A 222 -37.71 -11.74 -12.25
N GLY A 223 -36.93 -10.68 -12.13
CA GLY A 223 -36.93 -9.86 -10.96
C GLY A 223 -36.05 -10.35 -9.82
N MET A 224 -35.49 -11.57 -9.90
CA MET A 224 -34.57 -12.07 -8.80
C MET A 224 -33.14 -11.52 -8.95
N GLN A 225 -32.74 -10.72 -7.99
CA GLN A 225 -31.36 -10.26 -7.86
C GLN A 225 -30.63 -11.21 -6.87
N ILE A 226 -29.66 -11.95 -7.39
CA ILE A 226 -28.87 -12.90 -6.57
C ILE A 226 -27.41 -12.55 -6.83
N ALA A 227 -26.64 -12.30 -5.78
CA ALA A 227 -25.22 -11.91 -5.90
C ALA A 227 -24.43 -12.38 -4.64
N THR A 228 -23.32 -13.04 -4.89
CA THR A 228 -22.34 -13.39 -3.88
C THR A 228 -21.70 -12.15 -3.27
N ILE A 229 -21.67 -12.08 -1.93
CA ILE A 229 -21.00 -11.06 -1.23
C ILE A 229 -19.64 -11.58 -0.83
N ASP A 230 -19.64 -12.68 -0.06
CA ASP A 230 -18.36 -13.35 0.33
C ASP A 230 -18.37 -14.87 0.14
N HIS A 231 -17.18 -15.44 0.08
CA HIS A 231 -17.02 -16.85 -0.12
C HIS A 231 -15.75 -17.29 0.62
N SER A 232 -15.90 -18.28 1.48
CA SER A 232 -14.78 -18.74 2.34
C SER A 232 -14.74 -20.25 2.36
N MET A 233 -13.53 -20.81 2.40
CA MET A 233 -13.37 -22.23 2.29
C MET A 233 -12.21 -22.75 3.16
N TRP A 234 -12.35 -23.98 3.68
CA TRP A 234 -11.32 -24.67 4.46
C TRP A 234 -11.07 -26.03 3.84
N PHE A 235 -9.81 -26.27 3.42
CA PHE A 235 -9.42 -27.53 2.86
C PHE A 235 -8.86 -28.41 3.98
N HIS A 236 -9.67 -29.27 4.55
CA HIS A 236 -9.31 -30.06 5.76
C HIS A 236 -8.29 -31.19 5.41
N ARG A 237 -8.54 -31.88 4.28
CA ARG A 237 -7.86 -33.14 3.96
C ARG A 237 -7.61 -33.22 2.44
N PRO A 238 -6.66 -34.08 2.02
CA PRO A 238 -6.42 -34.33 0.60
C PRO A 238 -7.58 -35.02 0.00
N PHE A 239 -7.70 -34.91 -1.33
CA PHE A 239 -8.81 -35.45 -2.08
C PHE A 239 -8.41 -35.41 -3.59
N ARG A 240 -9.24 -36.06 -4.40
CA ARG A 240 -9.14 -36.00 -5.86
C ARG A 240 -10.51 -35.66 -6.43
N LEU A 241 -10.52 -34.90 -7.50
CA LEU A 241 -11.74 -34.50 -8.14
C LEU A 241 -12.07 -35.40 -9.32
N ASP A 242 -11.21 -36.36 -9.65
CA ASP A 242 -11.54 -37.33 -10.75
C ASP A 242 -12.39 -38.53 -10.28
N ASP A 243 -12.64 -38.61 -8.98
CA ASP A 243 -13.73 -39.44 -8.47
C ASP A 243 -14.77 -38.52 -7.78
N TRP A 244 -15.94 -39.09 -7.54
CA TRP A 244 -17.11 -38.40 -7.05
C TRP A 244 -16.95 -37.82 -5.65
N LEU A 245 -17.40 -36.57 -5.50
CA LEU A 245 -17.51 -35.90 -4.24
C LEU A 245 -18.92 -35.47 -4.11
N LEU A 246 -19.36 -35.37 -2.85
CA LEU A 246 -20.69 -34.87 -2.56
C LEU A 246 -20.65 -33.48 -1.92
N TYR A 247 -21.45 -32.56 -2.46
CA TYR A 247 -21.64 -31.26 -1.89
C TYR A 247 -22.89 -31.22 -1.08
N ALA A 248 -22.81 -31.13 0.23
CA ALA A 248 -23.99 -30.99 1.09
C ALA A 248 -24.11 -29.54 1.55
N VAL A 249 -25.22 -28.89 1.20
CA VAL A 249 -25.43 -27.49 1.39
C VAL A 249 -26.65 -27.28 2.25
N GLU A 250 -26.52 -26.38 3.22
CA GLU A 250 -27.68 -25.95 3.95
C GLU A 250 -27.67 -24.46 3.97
N SER A 251 -28.86 -23.86 3.94
CA SER A 251 -29.03 -22.50 4.22
C SER A 251 -29.65 -22.40 5.60
N THR A 252 -28.84 -21.99 6.58
CA THR A 252 -29.32 -21.86 7.92
C THR A 252 -30.09 -20.61 8.17
N SER A 253 -29.97 -19.61 7.27
CA SER A 253 -30.59 -18.33 7.48
C SER A 253 -30.81 -17.52 6.20
N ALA A 254 -31.87 -16.72 6.22
CA ALA A 254 -32.03 -15.57 5.30
C ALA A 254 -32.72 -14.45 6.07
N SER A 255 -32.28 -13.21 5.82
CA SER A 255 -32.83 -12.04 6.48
C SER A 255 -32.21 -10.80 5.86
N GLY A 256 -32.93 -9.66 5.85
CA GLY A 256 -32.31 -8.40 5.42
C GLY A 256 -31.85 -8.32 3.99
N ALA A 257 -32.46 -9.11 3.13
CA ALA A 257 -32.13 -9.27 1.72
C ALA A 257 -30.83 -10.02 1.45
N ARG A 258 -30.33 -10.67 2.51
CA ARG A 258 -29.23 -11.60 2.42
C ARG A 258 -29.65 -13.08 2.65
N GLY A 259 -28.86 -13.97 2.12
CA GLY A 259 -29.07 -15.39 2.22
C GLY A 259 -27.74 -16.00 2.65
N PHE A 260 -27.78 -16.98 3.53
CA PHE A 260 -26.51 -17.52 4.14
C PHE A 260 -26.49 -18.98 3.94
N VAL A 261 -25.39 -19.54 3.36
CA VAL A 261 -25.30 -20.98 3.10
C VAL A 261 -24.00 -21.54 3.67
N ARG A 262 -24.08 -22.74 4.22
CA ARG A 262 -22.87 -23.51 4.68
C ARG A 262 -22.80 -24.78 3.89
N GLY A 263 -21.60 -25.13 3.51
CA GLY A 263 -21.40 -26.29 2.71
C GLY A 263 -20.37 -27.23 3.33
N GLN A 264 -20.56 -28.54 3.09
CA GLN A 264 -19.48 -29.51 3.39
C GLN A 264 -19.33 -30.47 2.20
N ILE A 265 -18.07 -30.77 1.84
CA ILE A 265 -17.74 -31.61 0.72
C ILE A 265 -17.10 -32.91 1.28
N TYR A 266 -17.76 -34.04 0.95
CA TYR A 266 -17.36 -35.39 1.34
C TYR A 266 -16.93 -36.17 0.09
N ASN A 267 -15.92 -37.01 0.21
CA ASN A 267 -15.66 -37.95 -0.84
C ASN A 267 -16.59 -39.18 -0.68
N ARG A 268 -16.52 -40.10 -1.62
CA ARG A 268 -17.55 -41.15 -1.70
C ARG A 268 -17.45 -42.08 -0.49
N GLU A 269 -16.23 -42.30 0.00
CA GLU A 269 -16.01 -43.11 1.23
C GLU A 269 -16.34 -42.36 2.51
N GLY A 270 -16.90 -41.15 2.41
CA GLY A 270 -17.34 -40.44 3.61
C GLY A 270 -16.36 -39.47 4.23
N VAL A 271 -15.15 -39.32 3.66
CA VAL A 271 -14.14 -38.42 4.28
C VAL A 271 -14.60 -36.96 4.08
N LEU A 272 -14.68 -36.19 5.16
CA LEU A 272 -14.86 -34.74 5.05
C LEU A 272 -13.60 -34.03 4.52
N VAL A 273 -13.71 -33.53 3.28
CA VAL A 273 -12.59 -32.98 2.54
C VAL A 273 -12.48 -31.46 2.69
N ALA A 274 -13.61 -30.79 2.58
CA ALA A 274 -13.64 -29.27 2.65
C ALA A 274 -14.97 -28.74 3.17
N SER A 275 -14.90 -27.60 3.82
CA SER A 275 -16.07 -26.86 4.23
C SER A 275 -16.11 -25.45 3.56
N THR A 276 -17.30 -24.93 3.37
CA THR A 276 -17.51 -23.62 2.72
C THR A 276 -18.57 -22.82 3.40
N VAL A 277 -18.41 -21.51 3.34
CA VAL A 277 -19.43 -20.58 3.80
C VAL A 277 -19.64 -19.41 2.85
N GLN A 278 -20.87 -19.02 2.58
CA GLN A 278 -21.10 -17.95 1.63
C GLN A 278 -22.29 -17.15 2.05
N GLU A 279 -22.17 -15.84 1.90
CA GLU A 279 -23.33 -14.99 2.09
C GLU A 279 -23.53 -14.21 0.77
N GLY A 280 -24.79 -14.05 0.39
CA GLY A 280 -25.12 -13.29 -0.80
C GLY A 280 -26.34 -12.41 -0.62
N VAL A 281 -26.55 -11.52 -1.59
CA VAL A 281 -27.82 -10.76 -1.71
C VAL A 281 -28.85 -11.62 -2.35
N ILE A 282 -30.07 -11.65 -1.81
CA ILE A 282 -31.17 -12.31 -2.48
C ILE A 282 -32.39 -11.36 -2.38
N ARG A 283 -32.78 -10.80 -3.52
CA ARG A 283 -33.72 -9.71 -3.51
C ARG A 283 -34.64 -9.94 -4.67
N LEU A 284 -35.93 -9.96 -4.39
CA LEU A 284 -36.95 -10.01 -5.44
C LEU A 284 -37.35 -8.58 -5.81
N HIS A 285 -37.28 -8.27 -7.10
CA HIS A 285 -37.72 -7.00 -7.68
C HIS A 285 -38.87 -7.33 -8.64
N ALA B 4 -16.19 -4.79 35.71
CA ALA B 4 -15.46 -5.61 34.68
C ALA B 4 -16.01 -5.36 33.27
N LEU B 5 -17.33 -5.23 33.16
CA LEU B 5 -18.00 -4.82 31.93
C LEU B 5 -17.81 -3.39 31.52
N GLU B 6 -17.87 -2.45 32.45
CA GLU B 6 -17.60 -1.04 32.14
C GLU B 6 -16.15 -0.84 31.63
N LYS B 7 -15.22 -1.63 32.18
CA LYS B 7 -13.81 -1.61 31.75
C LYS B 7 -13.65 -2.10 30.30
N LEU B 8 -14.20 -3.27 30.01
CA LEU B 8 -14.22 -3.80 28.66
C LEU B 8 -14.89 -2.85 27.72
N LEU B 9 -16.07 -2.36 28.06
CA LEU B 9 -16.78 -1.45 27.20
C LEU B 9 -16.02 -0.14 26.95
N ASP B 10 -15.20 0.29 27.91
CA ASP B 10 -14.43 1.51 27.69
C ASP B 10 -13.24 1.19 26.74
N LEU B 11 -12.61 0.06 27.03
CA LEU B 11 -11.55 -0.56 26.25
C LEU B 11 -11.93 -0.90 24.76
N LEU B 12 -13.22 -1.16 24.47
CA LEU B 12 -13.74 -1.29 23.09
C LEU B 12 -14.14 0.02 22.49
N ASP B 13 -14.10 1.06 23.30
CA ASP B 13 -14.30 2.43 22.81
C ASP B 13 -12.90 3.05 22.50
N LEU B 14 -12.54 2.99 21.21
CA LEU B 14 -11.19 3.34 20.74
C LEU B 14 -10.83 4.86 20.75
N GLU B 15 -9.59 5.12 21.16
CA GLU B 15 -8.93 6.43 21.06
C GLU B 15 -8.63 6.62 19.59
N LYS B 16 -9.23 7.67 19.04
CA LYS B 16 -9.04 8.05 17.67
C LYS B 16 -7.77 8.94 17.47
N ILE B 17 -7.06 8.70 16.36
CA ILE B 17 -5.86 9.46 15.94
C ILE B 17 -6.14 10.28 14.68
N GLU B 18 -6.93 9.72 13.77
CA GLU B 18 -7.25 10.35 12.52
C GLU B 18 -8.45 9.67 11.94
N GLU B 19 -8.93 10.15 10.81
CA GLU B 19 -9.90 9.37 10.03
C GLU B 19 -9.24 8.02 9.70
N GLY B 20 -9.73 6.90 10.26
CA GLY B 20 -9.20 5.57 9.88
C GLY B 20 -7.94 5.11 10.57
N ILE B 21 -7.61 5.74 11.68
CA ILE B 21 -6.52 5.27 12.51
C ILE B 21 -6.99 5.36 13.96
N PHE B 22 -6.81 4.29 14.73
CA PHE B 22 -7.31 4.25 16.08
C PHE B 22 -6.33 3.54 16.91
N ARG B 23 -6.37 3.83 18.20
CA ARG B 23 -5.48 3.24 19.12
C ARG B 23 -6.34 2.54 20.18
N GLY B 24 -5.95 1.35 20.56
CA GLY B 24 -6.74 0.62 21.53
C GLY B 24 -5.87 0.09 22.62
N GLN B 25 -6.32 0.24 23.87
CA GLN B 25 -5.60 -0.38 24.98
C GLN B 25 -5.95 -1.86 25.01
N SER B 26 -5.01 -2.63 25.53
CA SER B 26 -5.19 -4.02 25.80
C SER B 26 -5.71 -4.23 27.23
N GLU B 27 -6.08 -5.46 27.56
CA GLU B 27 -6.78 -5.78 28.81
C GLU B 27 -5.75 -5.89 29.92
N GLN B 33 -0.22 -12.42 26.82
CA GLN B 33 -0.76 -12.46 25.43
C GLN B 33 -2.24 -12.07 25.36
N VAL B 34 -2.58 -11.35 24.30
CA VAL B 34 -3.87 -10.70 24.20
C VAL B 34 -4.95 -11.68 23.77
N PHE B 35 -6.15 -11.45 24.31
CA PHE B 35 -7.34 -12.27 23.99
C PHE B 35 -7.91 -11.93 22.57
N GLY B 36 -8.09 -12.96 21.74
CA GLY B 36 -8.54 -12.72 20.35
C GLY B 36 -9.78 -11.87 20.21
N GLY B 37 -10.72 -12.02 21.16
CA GLY B 37 -11.95 -11.26 21.15
C GLY B 37 -11.78 -9.80 21.28
N GLN B 38 -10.79 -9.40 22.05
CA GLN B 38 -10.47 -7.96 22.16
C GLN B 38 -10.11 -7.39 20.79
N VAL B 39 -9.15 -8.04 20.12
CA VAL B 39 -8.73 -7.59 18.77
C VAL B 39 -9.91 -7.50 17.78
N VAL B 40 -10.65 -8.62 17.68
CA VAL B 40 -11.93 -8.65 16.98
C VAL B 40 -12.85 -7.53 17.38
N GLY B 41 -13.14 -7.36 18.67
CA GLY B 41 -14.09 -6.28 19.06
C GLY B 41 -13.58 -4.85 18.71
N GLN B 42 -12.33 -4.62 19.07
CA GLN B 42 -11.70 -3.32 18.68
C GLN B 42 -11.76 -3.14 17.16
N ALA B 43 -11.41 -4.17 16.40
CA ALA B 43 -11.37 -3.94 14.92
C ALA B 43 -12.71 -3.59 14.36
N ILE B 44 -13.79 -4.19 14.91
CA ILE B 44 -15.13 -3.85 14.44
C ILE B 44 -15.44 -2.38 14.70
N TYR B 45 -15.14 -1.89 15.88
CA TYR B 45 -15.40 -0.43 16.16
C TYR B 45 -14.69 0.45 15.15
N ALA B 46 -13.40 0.14 14.98
CA ALA B 46 -12.54 0.89 14.05
C ALA B 46 -13.21 1.03 12.68
N ALA B 47 -13.68 -0.09 12.08
CA ALA B 47 -14.32 -0.08 10.77
C ALA B 47 -15.65 0.63 10.80
N LYS B 48 -16.46 0.38 11.81
CA LYS B 48 -17.79 1.02 11.85
C LYS B 48 -17.67 2.56 11.89
N GLN B 49 -16.69 3.11 12.58
CA GLN B 49 -16.47 4.60 12.48
C GLN B 49 -16.42 5.16 11.01
N THR B 50 -15.92 4.37 10.05
CA THR B 50 -15.59 4.88 8.70
C THR B 50 -16.67 4.61 7.76
N VAL B 51 -17.72 3.97 8.25
CA VAL B 51 -18.84 3.64 7.47
C VAL B 51 -19.95 4.64 7.77
N PRO B 52 -20.85 4.87 6.80
CA PRO B 52 -22.03 5.72 6.97
C PRO B 52 -22.99 5.21 8.03
N ALA B 53 -23.62 6.14 8.75
CA ALA B 53 -24.35 5.83 9.97
C ALA B 53 -25.48 4.77 9.79
N GLU B 54 -26.16 4.75 8.66
CA GLU B 54 -27.27 3.79 8.47
C GLU B 54 -26.78 2.30 8.28
N ARG B 55 -25.48 2.07 8.06
CA ARG B 55 -25.00 0.74 7.63
C ARG B 55 -24.34 -0.03 8.76
N THR B 56 -24.89 -1.20 9.12
CA THR B 56 -24.39 -1.96 10.27
C THR B 56 -23.70 -3.23 9.77
N VAL B 57 -22.81 -3.72 10.59
CA VAL B 57 -21.95 -4.83 10.28
C VAL B 57 -22.84 -6.04 10.05
N HIS B 58 -22.70 -6.64 8.87
CA HIS B 58 -23.28 -7.93 8.68
C HIS B 58 -22.28 -9.09 8.62
N SER B 59 -21.02 -8.82 8.33
CA SER B 59 -20.03 -9.86 8.32
C SER B 59 -18.63 -9.38 8.40
N PHE B 60 -17.76 -10.30 8.86
CA PHE B 60 -16.32 -10.08 8.86
C PHE B 60 -15.55 -11.40 8.73
N HIS B 61 -14.36 -11.34 8.15
CA HIS B 61 -13.43 -12.42 8.12
C HIS B 61 -12.13 -11.85 8.63
N SER B 62 -11.44 -12.59 9.47
CA SER B 62 -10.14 -12.14 9.98
C SER B 62 -9.11 -13.22 10.02
N TYR B 63 -7.81 -12.83 9.92
CA TYR B 63 -6.71 -13.72 10.17
C TYR B 63 -5.76 -13.18 11.27
N PHE B 64 -5.25 -14.07 12.12
CA PHE B 64 -4.28 -13.70 13.15
C PHE B 64 -2.91 -14.13 12.67
N LEU B 65 -2.02 -13.15 12.59
CA LEU B 65 -0.70 -13.36 12.11
C LEU B 65 0.43 -13.46 13.13
N ARG B 66 0.28 -12.77 14.24
CA ARG B 66 1.30 -12.77 15.29
C ARG B 66 0.57 -12.54 16.58
N PRO B 67 1.08 -13.12 17.67
CA PRO B 67 0.42 -12.85 18.94
C PRO B 67 0.53 -11.36 19.33
N GLY B 68 -0.55 -10.81 19.84
CA GLY B 68 -0.53 -9.48 20.40
C GLY B 68 0.07 -9.53 21.81
N ASP B 69 0.62 -8.39 22.21
CA ASP B 69 1.34 -8.18 23.46
C ASP B 69 0.39 -7.33 24.30
N SER B 70 -0.04 -7.92 25.42
CA SER B 70 -1.00 -7.32 26.37
C SER B 70 -0.53 -6.02 27.00
N SER B 71 0.79 -5.89 27.12
CA SER B 71 1.41 -4.74 27.75
C SER B 71 1.45 -3.49 26.86
N LYS B 72 0.94 -3.55 25.62
CA LYS B 72 0.97 -2.37 24.72
C LYS B 72 -0.30 -2.11 23.96
N PRO B 73 -0.50 -0.87 23.54
CA PRO B 73 -1.71 -0.65 22.79
C PRO B 73 -1.60 -1.23 21.37
N ILE B 74 -2.70 -1.11 20.64
CA ILE B 74 -2.82 -1.62 19.28
C ILE B 74 -3.34 -0.52 18.42
N ILE B 75 -2.70 -0.35 17.26
CA ILE B 75 -3.22 0.58 16.29
C ILE B 75 -4.03 -0.16 15.25
N TYR B 76 -5.18 0.41 14.95
CA TYR B 76 -6.11 -0.08 13.99
C TYR B 76 -6.19 0.88 12.82
N ASP B 77 -5.62 0.46 11.69
CA ASP B 77 -5.72 1.21 10.46
C ASP B 77 -6.82 0.67 9.63
N VAL B 78 -7.60 1.56 9.03
CA VAL B 78 -8.80 1.14 8.36
C VAL B 78 -8.76 1.60 6.92
N GLU B 79 -8.68 0.66 6.01
CA GLU B 79 -8.77 0.99 4.58
C GLU B 79 -10.16 0.92 4.08
N THR B 80 -10.61 2.02 3.46
CA THR B 80 -11.85 2.01 2.78
C THR B 80 -11.77 1.24 1.44
N LEU B 81 -12.53 0.16 1.29
CA LEU B 81 -12.50 -0.66 0.07
C LEU B 81 -13.56 -0.31 -0.94
N ARG B 82 -14.79 -0.10 -0.48
CA ARG B 82 -15.87 0.22 -1.40
C ARG B 82 -17.09 0.81 -0.67
N ASP B 83 -17.80 1.66 -1.40
CA ASP B 83 -19.06 2.24 -0.96
C ASP B 83 -20.07 2.09 -2.05
N GLY B 84 -20.84 1.04 -1.93
CA GLY B 84 -21.79 0.67 -2.94
C GLY B 84 -23.13 1.26 -2.62
N ASN B 85 -24.09 0.85 -3.43
CA ASN B 85 -25.48 1.23 -3.31
C ASN B 85 -26.17 0.75 -2.01
N SER B 86 -25.70 -0.38 -1.48
CA SER B 86 -26.13 -0.90 -0.18
C SER B 86 -24.99 -1.32 0.74
N PHE B 87 -23.88 -1.80 0.18
CA PHE B 87 -22.80 -2.36 0.96
C PHE B 87 -21.58 -1.47 1.02
N SER B 88 -21.02 -1.34 2.21
CA SER B 88 -19.69 -0.78 2.42
C SER B 88 -18.77 -1.80 3.03
N ALA B 89 -17.48 -1.71 2.68
CA ALA B 89 -16.50 -2.72 3.02
C ALA B 89 -15.22 -2.04 3.44
N ARG B 90 -14.64 -2.55 4.50
CA ARG B 90 -13.47 -1.99 5.13
C ARG B 90 -12.48 -3.03 5.46
N ARG B 91 -11.20 -2.74 5.30
CA ARG B 91 -10.15 -3.62 5.78
C ARG B 91 -9.41 -3.00 6.96
N VAL B 92 -9.33 -3.70 8.07
CA VAL B 92 -8.63 -3.22 9.29
C VAL B 92 -7.35 -3.94 9.55
N SER B 93 -6.23 -3.19 9.59
CA SER B 93 -4.98 -3.78 10.02
C SER B 93 -4.73 -3.52 11.52
N ALA B 94 -4.44 -4.54 12.30
CA ALA B 94 -4.04 -4.35 13.69
C ALA B 94 -2.54 -4.42 13.78
N ILE B 95 -1.96 -3.29 14.20
CA ILE B 95 -0.51 -3.08 14.15
C ILE B 95 0.06 -2.94 15.56
N GLN B 96 1.01 -3.80 15.90
CA GLN B 96 1.88 -3.66 17.02
C GLN B 96 3.34 -3.81 16.67
N ASN B 97 4.19 -3.04 17.35
CA ASN B 97 5.67 -3.10 17.20
C ASN B 97 6.14 -3.07 15.74
N GLY B 98 5.53 -2.23 14.94
CA GLY B 98 5.89 -2.10 13.53
C GLY B 98 5.39 -3.23 12.64
N LYS B 99 4.57 -4.15 13.15
CA LYS B 99 4.23 -5.35 12.41
C LYS B 99 2.76 -5.65 12.54
N PRO B 100 2.10 -6.05 11.44
CA PRO B 100 0.68 -6.37 11.55
C PRO B 100 0.48 -7.67 12.29
N ILE B 101 -0.42 -7.65 13.25
CA ILE B 101 -0.71 -8.86 13.99
C ILE B 101 -2.04 -9.47 13.60
N PHE B 102 -2.83 -8.76 12.81
CA PHE B 102 -4.22 -9.17 12.53
C PHE B 102 -4.80 -8.31 11.41
N TYR B 103 -5.63 -8.94 10.59
CA TYR B 103 -6.30 -8.30 9.51
C TYR B 103 -7.76 -8.74 9.47
N MET B 104 -8.69 -7.81 9.40
CA MET B 104 -10.08 -8.14 9.23
C MET B 104 -10.60 -7.41 8.02
N THR B 105 -11.35 -8.09 7.15
CA THR B 105 -12.22 -7.36 6.20
C THR B 105 -13.68 -7.50 6.61
N ALA B 106 -14.39 -6.39 6.77
CA ALA B 106 -15.74 -6.40 7.24
C ALA B 106 -16.65 -5.66 6.27
N SER B 107 -17.90 -6.07 6.23
CA SER B 107 -18.93 -5.53 5.36
C SER B 107 -20.15 -5.08 6.19
N PHE B 108 -20.81 -4.02 5.71
CA PHE B 108 -21.86 -3.30 6.40
C PHE B 108 -22.92 -2.99 5.41
N GLN B 109 -24.18 -3.01 5.85
CA GLN B 109 -25.35 -2.84 4.99
C GLN B 109 -26.49 -2.15 5.77
N SER B 110 -27.29 -1.38 5.05
CA SER B 110 -28.47 -0.73 5.64
C SER B 110 -29.59 -1.77 5.94
N GLN B 111 -30.12 -1.74 7.16
CA GLN B 111 -31.20 -2.63 7.57
C GLN B 111 -32.36 -2.50 6.55
N GLU B 112 -32.82 -3.65 6.05
CA GLU B 112 -33.76 -3.75 4.93
C GLU B 112 -34.68 -5.01 5.09
N GLU B 113 -35.83 -5.03 4.44
CA GLU B 113 -36.79 -6.12 4.65
C GLU B 113 -36.72 -7.09 3.49
N GLY B 114 -36.59 -8.37 3.81
CA GLY B 114 -36.57 -9.37 2.78
C GLY B 114 -36.92 -10.76 3.31
N PHE B 115 -36.60 -11.76 2.49
CA PHE B 115 -36.79 -13.16 2.81
C PHE B 115 -36.25 -13.58 4.15
N GLU B 116 -37.07 -14.30 4.91
CA GLU B 116 -36.74 -14.71 6.29
C GLU B 116 -36.91 -16.21 6.41
N HIS B 117 -35.85 -16.87 6.81
CA HIS B 117 -35.96 -18.23 7.32
C HIS B 117 -34.78 -18.48 8.27
N GLN B 118 -34.92 -19.47 9.13
CA GLN B 118 -33.75 -19.86 9.96
C GLN B 118 -33.84 -21.34 10.39
N ASN B 119 -32.72 -21.94 10.80
CA ASN B 119 -32.79 -23.32 11.32
C ASN B 119 -33.34 -23.20 12.76
N THR B 120 -33.26 -24.28 13.53
CA THR B 120 -33.92 -24.35 14.82
C THR B 120 -32.91 -24.49 15.89
N MET B 121 -33.06 -23.66 16.91
CA MET B 121 -32.18 -23.66 18.07
C MET B 121 -32.16 -25.08 18.69
N PRO B 122 -30.98 -25.59 19.09
CA PRO B 122 -31.02 -26.89 19.76
C PRO B 122 -31.76 -26.83 21.11
N ASP B 123 -32.40 -27.94 21.50
CA ASP B 123 -33.06 -28.04 22.82
C ASP B 123 -31.99 -28.17 23.87
N VAL B 124 -31.98 -27.28 24.84
CA VAL B 124 -31.00 -27.34 25.91
C VAL B 124 -31.71 -26.88 27.19
N PRO B 125 -31.13 -27.18 28.34
CA PRO B 125 -31.72 -26.66 29.57
C PRO B 125 -31.60 -25.15 29.64
N PRO B 126 -32.57 -24.51 30.31
CA PRO B 126 -32.46 -23.07 30.37
C PRO B 126 -31.28 -22.63 31.25
N PRO B 127 -30.94 -21.36 31.22
CA PRO B 127 -29.80 -20.94 32.01
C PRO B 127 -30.00 -20.97 33.54
N GLU B 128 -31.26 -20.95 34.00
CA GLU B 128 -31.57 -20.70 35.44
C GLU B 128 -31.02 -21.76 36.38
N GLY B 129 -31.20 -23.02 36.01
CA GLY B 129 -30.58 -24.12 36.74
C GLY B 129 -29.05 -24.16 36.78
N LEU B 130 -28.39 -23.53 35.81
CA LEU B 130 -26.97 -23.79 35.57
C LEU B 130 -26.00 -22.92 36.32
N MET B 131 -24.90 -23.53 36.71
CA MET B 131 -23.91 -22.81 37.46
C MET B 131 -23.03 -22.00 36.49
N SER B 132 -22.55 -20.84 36.89
CA SER B 132 -21.62 -20.06 36.08
C SER B 132 -20.21 -20.60 36.12
N GLU B 133 -19.44 -20.25 35.09
CA GLU B 133 -18.04 -20.69 35.02
C GLU B 133 -17.22 -20.20 36.20
N THR B 134 -17.47 -18.98 36.63
CA THR B 134 -16.69 -18.45 37.73
C THR B 134 -16.87 -19.43 38.93
N ASP B 135 -18.12 -19.82 39.20
CA ASP B 135 -18.45 -20.65 40.35
C ASP B 135 -17.84 -22.02 40.25
N ILE B 136 -17.92 -22.61 39.05
CA ILE B 136 -17.29 -23.91 38.79
C ILE B 136 -15.80 -23.82 39.00
N ALA B 137 -15.20 -22.82 38.41
CA ALA B 137 -13.75 -22.63 38.47
C ALA B 137 -13.27 -22.50 39.92
N ARG B 138 -14.04 -21.78 40.75
CA ARG B 138 -13.67 -21.55 42.15
C ARG B 138 -13.35 -22.84 42.88
N GLN B 139 -14.09 -23.90 42.65
CA GLN B 139 -13.75 -25.18 43.25
C GLN B 139 -12.25 -25.53 43.10
N PHE B 140 -11.68 -25.26 41.94
CA PHE B 140 -10.29 -25.67 41.62
C PHE B 140 -9.43 -24.49 41.21
N SER B 141 -9.86 -23.30 41.57
CA SER B 141 -8.98 -22.15 41.51
C SER B 141 -7.86 -22.32 42.53
N GLY B 154 -12.50 -13.37 39.70
CA GLY B 154 -13.34 -12.27 40.16
C GLY B 154 -14.52 -11.93 39.24
N PRO B 155 -15.05 -10.71 39.36
CA PRO B 155 -16.07 -10.27 38.42
C PRO B 155 -15.61 -10.34 36.97
N GLN B 156 -16.50 -10.81 36.08
CA GLN B 156 -16.20 -11.02 34.65
C GLN B 156 -17.18 -10.28 33.83
N PRO B 157 -16.73 -9.75 32.69
CA PRO B 157 -17.57 -8.81 31.94
C PRO B 157 -18.78 -9.50 31.31
N ILE B 158 -18.60 -10.77 30.99
CA ILE B 158 -19.65 -11.58 30.46
C ILE B 158 -19.80 -12.84 31.27
N GLU B 159 -21.03 -13.08 31.73
CA GLU B 159 -21.34 -14.30 32.49
C GLU B 159 -21.54 -15.49 31.56
N MET B 160 -20.97 -16.64 31.92
CA MET B 160 -21.14 -17.86 31.13
C MET B 160 -21.71 -19.04 31.94
N ARG B 161 -22.79 -19.63 31.45
CA ARG B 161 -23.33 -20.85 32.04
C ARG B 161 -23.29 -22.07 31.08
N PRO B 162 -22.25 -22.92 31.20
CA PRO B 162 -22.16 -24.06 30.33
C PRO B 162 -23.24 -25.06 30.65
N VAL B 163 -23.69 -25.76 29.63
CA VAL B 163 -24.65 -26.87 29.75
C VAL B 163 -23.92 -28.05 30.32
N LYS B 164 -22.71 -28.26 29.82
CA LYS B 164 -21.81 -29.30 30.30
C LYS B 164 -20.43 -28.69 30.40
N PHE B 165 -19.80 -28.82 31.56
CA PHE B 165 -18.52 -28.21 31.79
C PHE B 165 -17.39 -29.09 31.26
N HIS B 166 -16.56 -28.52 30.39
CA HIS B 166 -15.41 -29.19 29.77
C HIS B 166 -14.18 -28.61 30.40
N ASN B 167 -13.58 -29.37 31.32
CA ASN B 167 -12.54 -28.84 32.15
C ASN B 167 -11.27 -28.64 31.35
N PRO B 168 -10.76 -27.42 31.34
CA PRO B 168 -9.56 -27.02 30.62
C PRO B 168 -8.28 -27.71 31.10
N LEU B 169 -8.31 -28.27 32.29
CA LEU B 169 -7.15 -29.03 32.86
C LEU B 169 -7.26 -30.54 32.75
N GLN B 170 -8.41 -31.05 32.39
CA GLN B 170 -8.59 -32.47 32.49
C GLN B 170 -9.35 -32.94 31.25
N GLY B 171 -10.58 -33.38 31.33
CA GLY B 171 -11.29 -33.73 30.09
C GLY B 171 -11.00 -35.12 29.52
N SER B 172 -12.01 -35.59 28.81
CA SER B 172 -12.18 -36.99 28.45
C SER B 172 -12.68 -37.03 27.05
N VAL B 173 -12.76 -38.22 26.46
CA VAL B 173 -13.29 -38.29 25.12
C VAL B 173 -14.79 -38.01 25.22
N GLU B 174 -15.18 -36.82 24.73
CA GLU B 174 -16.55 -36.30 24.68
C GLU B 174 -16.92 -36.00 23.20
N GLU B 175 -18.21 -35.89 22.94
CA GLU B 175 -18.70 -35.45 21.63
C GLU B 175 -18.19 -34.03 21.30
N PRO B 176 -17.88 -33.78 20.02
CA PRO B 176 -17.33 -32.48 19.67
C PRO B 176 -18.40 -31.41 19.52
N ASN B 177 -19.20 -31.24 20.57
CA ASN B 177 -20.20 -30.21 20.68
C ASN B 177 -20.12 -29.52 22.01
N ARG B 178 -20.55 -28.28 22.05
CA ARG B 178 -20.59 -27.54 23.30
C ARG B 178 -21.71 -26.52 23.28
N TYR B 179 -22.32 -26.22 24.43
CA TYR B 179 -23.45 -25.30 24.52
C TYR B 179 -23.27 -24.43 25.74
N VAL B 180 -23.28 -23.12 25.55
CA VAL B 180 -22.98 -22.19 26.64
C VAL B 180 -23.90 -21.02 26.56
N TRP B 181 -24.59 -20.75 27.65
CA TRP B 181 -25.38 -19.57 27.76
C TRP B 181 -24.47 -18.43 28.26
N PHE B 182 -24.67 -17.25 27.71
CA PHE B 182 -23.93 -16.07 28.11
C PHE B 182 -24.75 -14.82 28.07
N ARG B 183 -24.32 -13.82 28.83
CA ARG B 183 -25.05 -12.59 29.01
C ARG B 183 -24.06 -11.60 29.56
N ALA B 184 -24.26 -10.30 29.29
CA ALA B 184 -23.34 -9.30 29.81
C ALA B 184 -23.49 -9.12 31.32
N ASN B 185 -22.36 -9.05 32.01
CA ASN B 185 -22.34 -8.93 33.45
C ASN B 185 -22.42 -7.47 33.86
N GLY B 186 -23.56 -6.85 33.60
CA GLY B 186 -23.71 -5.46 33.87
C GLY B 186 -24.79 -4.83 33.02
N LYS B 187 -24.75 -3.50 32.96
CA LYS B 187 -25.75 -2.70 32.25
C LYS B 187 -25.17 -2.27 30.88
N MET B 188 -26.01 -2.34 29.85
CA MET B 188 -25.62 -2.08 28.46
C MET B 188 -26.44 -0.95 27.87
N PRO B 189 -25.79 -0.07 27.07
CA PRO B 189 -26.50 1.04 26.40
C PRO B 189 -27.57 0.53 25.45
N ASP B 190 -28.38 1.44 24.95
CA ASP B 190 -29.34 1.06 23.91
C ASP B 190 -28.76 1.23 22.49
N ASP B 191 -27.43 1.32 22.37
CA ASP B 191 -26.75 1.40 21.05
C ASP B 191 -26.38 -0.02 20.55
N LEU B 192 -27.06 -0.50 19.54
CA LEU B 192 -26.84 -1.88 19.02
C LEU B 192 -25.39 -2.10 18.60
N ARG B 193 -24.72 -1.04 18.12
CA ARG B 193 -23.30 -1.11 17.71
C ARG B 193 -22.40 -1.68 18.78
N VAL B 194 -22.61 -1.24 20.02
CA VAL B 194 -21.82 -1.70 21.14
C VAL B 194 -22.14 -3.17 21.46
N HIS B 195 -23.40 -3.57 21.35
CA HIS B 195 -23.71 -5.01 21.49
C HIS B 195 -22.89 -5.88 20.51
N GLN B 196 -22.76 -5.38 19.28
CA GLN B 196 -22.12 -6.11 18.17
C GLN B 196 -20.66 -6.22 18.45
N TYR B 197 -20.06 -5.09 18.86
CA TYR B 197 -18.66 -5.12 19.22
C TYR B 197 -18.48 -6.16 20.30
N LEU B 198 -19.40 -6.18 21.29
CA LEU B 198 -19.26 -7.11 22.41
C LEU B 198 -19.52 -8.57 22.00
N LEU B 199 -20.48 -8.78 21.12
CA LEU B 199 -20.72 -10.12 20.58
C LEU B 199 -19.48 -10.65 19.85
N GLY B 200 -18.77 -9.76 19.12
CA GLY B 200 -17.50 -10.18 18.43
C GLY B 200 -16.50 -10.68 19.43
N TYR B 201 -16.36 -9.91 20.53
CA TYR B 201 -15.52 -10.32 21.66
C TYR B 201 -15.94 -11.67 22.22
N ALA B 202 -17.23 -11.82 22.56
CA ALA B 202 -17.73 -13.04 23.21
C ALA B 202 -17.67 -14.27 22.32
N SER B 203 -17.72 -14.10 20.97
CA SER B 203 -17.65 -15.22 20.03
C SER B 203 -16.35 -15.98 20.04
N ASP B 204 -15.29 -15.42 20.63
CA ASP B 204 -14.01 -16.09 20.73
C ASP B 204 -13.84 -16.81 22.08
N PHE B 205 -14.91 -16.91 22.85
CA PHE B 205 -14.96 -17.80 24.03
C PHE B 205 -15.66 -19.11 23.79
N ASN B 206 -15.22 -20.15 24.50
CA ASN B 206 -15.82 -21.47 24.41
C ASN B 206 -15.94 -22.00 23.01
N PHE B 207 -14.89 -21.78 22.21
CA PHE B 207 -15.07 -21.99 20.77
C PHE B 207 -14.08 -23.01 20.31
N LEU B 208 -12.87 -22.56 19.97
CA LEU B 208 -11.89 -23.47 19.40
C LEU B 208 -11.56 -24.73 20.21
N PRO B 209 -11.54 -24.64 21.57
CA PRO B 209 -11.34 -25.80 22.46
C PRO B 209 -12.30 -26.99 22.27
N THR B 210 -13.43 -26.77 21.61
CA THR B 210 -14.40 -27.82 21.35
C THR B 210 -13.73 -28.87 20.48
N ALA B 211 -12.79 -28.42 19.64
CA ALA B 211 -12.04 -29.32 18.75
C ALA B 211 -11.14 -30.36 19.46
N LEU B 212 -10.84 -30.10 20.73
CA LEU B 212 -10.06 -31.07 21.54
C LEU B 212 -10.93 -32.13 22.23
N GLN B 213 -12.24 -31.93 22.22
CA GLN B 213 -13.12 -32.79 23.03
C GLN B 213 -13.08 -34.27 22.63
N PRO B 214 -12.94 -34.57 21.34
CA PRO B 214 -12.83 -36.00 21.00
C PRO B 214 -11.51 -36.63 21.34
N HIS B 215 -10.56 -35.83 21.80
CA HIS B 215 -9.23 -36.34 21.98
C HIS B 215 -8.78 -36.36 23.42
N GLY B 216 -9.68 -36.01 24.34
CA GLY B 216 -9.49 -36.23 25.79
C GLY B 216 -8.44 -35.36 26.42
N ILE B 217 -8.21 -34.18 25.84
CA ILE B 217 -7.20 -33.25 26.31
C ILE B 217 -7.86 -31.92 26.55
N GLY B 218 -7.55 -31.32 27.70
CA GLY B 218 -8.05 -29.98 28.01
C GLY B 218 -7.06 -28.99 27.45
N PHE B 219 -7.52 -27.78 27.18
CA PHE B 219 -6.74 -26.83 26.36
C PHE B 219 -5.57 -26.13 27.08
N LEU B 220 -5.68 -26.10 28.42
CA LEU B 220 -4.62 -25.62 29.32
C LEU B 220 -3.66 -26.73 29.78
N GLU B 221 -3.77 -27.94 29.25
CA GLU B 221 -2.86 -28.98 29.66
C GLU B 221 -1.44 -28.79 29.12
N PRO B 222 -0.42 -29.09 29.96
CA PRO B 222 0.92 -28.71 29.53
C PRO B 222 1.31 -29.40 28.23
N GLY B 223 2.01 -28.68 27.36
CA GLY B 223 2.34 -29.18 26.05
C GLY B 223 1.35 -28.86 24.94
N MET B 224 0.13 -28.44 25.32
CA MET B 224 -0.94 -28.13 24.35
C MET B 224 -0.74 -26.79 23.68
N GLN B 225 -0.39 -26.80 22.42
CA GLN B 225 -0.23 -25.56 21.65
C GLN B 225 -1.54 -25.41 20.90
N ILE B 226 -2.34 -24.43 21.29
CA ILE B 226 -3.63 -24.14 20.68
C ILE B 226 -3.66 -22.65 20.32
N ALA B 227 -3.99 -22.36 19.05
CA ALA B 227 -3.96 -20.99 18.58
C ALA B 227 -4.90 -20.76 17.40
N THR B 228 -5.69 -19.70 17.49
CA THR B 228 -6.60 -19.29 16.41
C THR B 228 -5.83 -18.88 15.14
N ILE B 229 -6.19 -19.49 14.03
CA ILE B 229 -5.68 -19.01 12.71
C ILE B 229 -6.60 -17.93 12.15
N ASP B 230 -7.88 -18.22 12.07
CA ASP B 230 -8.81 -17.29 11.51
C ASP B 230 -10.08 -17.33 12.32
N HIS B 231 -10.78 -16.20 12.31
CA HIS B 231 -12.08 -16.05 12.91
C HIS B 231 -12.98 -15.25 11.99
N SER B 232 -14.19 -15.78 11.73
CA SER B 232 -15.17 -15.11 10.87
C SER B 232 -16.54 -15.15 11.45
N MET B 233 -17.35 -14.14 11.11
CA MET B 233 -18.66 -14.00 11.75
C MET B 233 -19.70 -13.32 10.88
N TRP B 234 -20.93 -13.77 11.00
CA TRP B 234 -22.02 -13.16 10.26
C TRP B 234 -23.15 -12.82 11.20
N PHE B 235 -23.57 -11.53 11.18
CA PHE B 235 -24.51 -11.01 12.12
C PHE B 235 -25.83 -10.99 11.41
N HIS B 236 -26.64 -12.03 11.56
CA HIS B 236 -27.89 -12.17 10.75
C HIS B 236 -28.98 -11.22 11.15
N ARG B 237 -29.13 -11.01 12.45
CA ARG B 237 -30.26 -10.28 12.97
C ARG B 237 -29.91 -9.47 14.18
N PRO B 238 -30.72 -8.41 14.42
CA PRO B 238 -30.47 -7.61 15.64
C PRO B 238 -30.65 -8.46 16.93
N PHE B 239 -30.03 -8.03 18.01
CA PHE B 239 -30.08 -8.77 19.28
C PHE B 239 -29.67 -7.80 20.37
N ARG B 240 -29.83 -8.24 21.61
CA ARG B 240 -29.21 -7.56 22.78
C ARG B 240 -28.47 -8.56 23.63
N LEU B 241 -27.31 -8.17 24.14
CA LEU B 241 -26.47 -8.99 25.00
C LEU B 241 -26.70 -8.77 26.51
N ASP B 242 -27.69 -7.95 26.88
CA ASP B 242 -28.11 -7.85 28.31
C ASP B 242 -29.20 -8.87 28.73
N ASP B 243 -29.59 -9.70 27.78
CA ASP B 243 -30.30 -10.93 28.09
C ASP B 243 -29.50 -12.11 27.52
N TRP B 244 -29.91 -13.33 27.90
CA TRP B 244 -29.19 -14.57 27.62
C TRP B 244 -29.22 -15.01 26.16
N LEU B 245 -28.03 -15.28 25.67
CA LEU B 245 -27.85 -15.81 24.33
C LEU B 245 -27.27 -17.19 24.53
N LEU B 246 -27.49 -18.06 23.56
CA LEU B 246 -26.89 -19.35 23.55
C LEU B 246 -25.85 -19.51 22.45
N TYR B 247 -24.67 -20.03 22.84
CA TYR B 247 -23.64 -20.35 21.87
C TYR B 247 -23.64 -21.84 21.69
N ALA B 248 -24.01 -22.27 20.50
CA ALA B 248 -24.00 -23.65 20.09
C ALA B 248 -22.85 -23.90 19.15
N VAL B 249 -21.81 -24.59 19.63
CA VAL B 249 -20.59 -24.83 18.88
C VAL B 249 -20.44 -26.29 18.59
N GLU B 250 -19.96 -26.58 17.40
CA GLU B 250 -19.56 -27.92 16.98
C GLU B 250 -18.18 -27.87 16.32
N SER B 251 -17.33 -28.88 16.60
CA SER B 251 -16.14 -29.09 15.83
C SER B 251 -16.44 -30.20 14.86
N THR B 252 -16.59 -29.84 13.60
CA THR B 252 -16.88 -30.79 12.56
C THR B 252 -15.67 -31.50 12.08
N SER B 253 -14.49 -30.96 12.33
CA SER B 253 -13.28 -31.58 11.88
C SER B 253 -12.06 -31.22 12.65
N ALA B 254 -11.13 -32.15 12.73
CA ALA B 254 -9.74 -31.88 13.04
C ALA B 254 -8.82 -32.74 12.20
N SER B 255 -7.74 -32.16 11.65
CA SER B 255 -6.71 -32.88 10.92
C SER B 255 -5.54 -31.91 10.69
N GLY B 256 -4.36 -32.48 10.48
CA GLY B 256 -3.20 -31.75 10.09
C GLY B 256 -2.68 -30.75 11.10
N ALA B 257 -2.92 -31.03 12.39
CA ALA B 257 -2.59 -30.11 13.51
C ALA B 257 -3.41 -28.82 13.45
N ARG B 258 -4.59 -28.90 12.81
CA ARG B 258 -5.67 -27.93 12.92
C ARG B 258 -6.92 -28.57 13.47
N GLY B 259 -7.70 -27.71 14.11
CA GLY B 259 -9.07 -27.95 14.57
C GLY B 259 -10.05 -26.90 13.99
N PHE B 260 -11.25 -27.35 13.64
CA PHE B 260 -12.19 -26.49 12.95
C PHE B 260 -13.48 -26.47 13.71
N VAL B 261 -13.98 -25.27 13.98
CA VAL B 261 -15.23 -25.11 14.69
C VAL B 261 -16.19 -24.18 13.96
N ARG B 262 -17.47 -24.53 14.09
CA ARG B 262 -18.55 -23.67 13.63
C ARG B 262 -19.50 -23.36 14.80
N GLY B 263 -19.96 -22.13 14.88
CA GLY B 263 -20.84 -21.70 15.90
C GLY B 263 -22.08 -21.04 15.42
N GLN B 264 -23.12 -21.11 16.25
CA GLN B 264 -24.34 -20.46 16.01
C GLN B 264 -24.79 -19.91 17.37
N ILE B 265 -25.29 -18.69 17.33
CA ILE B 265 -25.69 -17.95 18.47
C ILE B 265 -27.16 -17.64 18.40
N TYR B 266 -27.91 -18.05 19.43
CA TYR B 266 -29.37 -17.93 19.46
C TYR B 266 -29.79 -17.19 20.65
N ASN B 267 -30.80 -16.38 20.48
CA ASN B 267 -31.40 -15.76 21.65
C ASN B 267 -32.40 -16.72 22.35
N ARG B 268 -32.93 -16.30 23.48
CA ARG B 268 -33.66 -17.20 24.37
C ARG B 268 -34.90 -17.68 23.70
N GLU B 269 -35.49 -16.79 22.92
CA GLU B 269 -36.72 -17.01 22.21
C GLU B 269 -36.46 -17.79 20.94
N GLY B 270 -35.20 -18.14 20.68
CA GLY B 270 -34.86 -19.07 19.56
C GLY B 270 -34.41 -18.47 18.23
N VAL B 271 -34.31 -17.17 18.20
CA VAL B 271 -33.91 -16.46 16.97
C VAL B 271 -32.42 -16.61 16.74
N LEU B 272 -32.03 -17.05 15.53
CA LEU B 272 -30.65 -17.14 15.10
C LEU B 272 -30.06 -15.75 14.80
N VAL B 273 -29.18 -15.29 15.66
CA VAL B 273 -28.70 -13.92 15.57
C VAL B 273 -27.35 -13.83 14.86
N ALA B 274 -26.52 -14.88 14.95
CA ALA B 274 -25.18 -14.84 14.33
C ALA B 274 -24.61 -16.23 14.16
N SER B 275 -23.67 -16.35 13.22
CA SER B 275 -22.95 -17.57 13.01
C SER B 275 -21.46 -17.27 13.01
N THR B 276 -20.66 -18.22 13.44
CA THR B 276 -19.19 -18.04 13.46
C THR B 276 -18.49 -19.24 12.93
N VAL B 277 -17.28 -19.02 12.40
CA VAL B 277 -16.39 -20.08 11.95
C VAL B 277 -14.94 -19.77 12.30
N GLN B 278 -14.23 -20.75 12.82
CA GLN B 278 -12.83 -20.56 13.20
C GLN B 278 -12.03 -21.82 13.00
N GLU B 279 -10.81 -21.64 12.51
CA GLU B 279 -9.81 -22.70 12.46
C GLU B 279 -8.61 -22.27 13.35
N GLY B 280 -7.98 -23.22 14.01
CA GLY B 280 -6.80 -22.99 14.84
C GLY B 280 -5.82 -24.15 14.83
N VAL B 281 -4.58 -23.87 15.18
CA VAL B 281 -3.59 -24.89 15.48
C VAL B 281 -3.99 -25.64 16.75
N ILE B 282 -3.90 -26.97 16.69
CA ILE B 282 -4.00 -27.81 17.89
C ILE B 282 -2.91 -28.85 17.79
N ARG B 283 -1.99 -28.81 18.75
CA ARG B 283 -0.80 -29.65 18.70
C ARG B 283 -0.44 -30.00 20.15
N LEU B 284 -0.27 -31.30 20.44
CA LEU B 284 0.29 -31.73 21.72
C LEU B 284 1.77 -32.05 21.59
N HIS B 285 2.59 -31.33 22.37
CA HIS B 285 4.06 -31.51 22.44
C HIS B 285 4.57 -31.09 23.85
N ALA C 4 19.11 2.98 -34.52
CA ALA C 4 19.45 3.10 -33.09
C ALA C 4 18.39 3.94 -32.36
N LEU C 5 18.02 5.06 -32.93
CA LEU C 5 16.96 5.90 -32.36
C LEU C 5 15.62 5.17 -32.34
N GLU C 6 15.31 4.52 -33.46
CA GLU C 6 14.06 3.77 -33.62
C GLU C 6 13.89 2.67 -32.56
N LYS C 7 14.97 2.00 -32.30
CA LYS C 7 15.01 0.92 -31.35
C LYS C 7 14.75 1.44 -29.91
N LEU C 8 15.36 2.57 -29.55
CA LEU C 8 15.12 3.17 -28.22
C LEU C 8 13.71 3.73 -28.06
N LEU C 9 13.20 4.37 -29.10
CA LEU C 9 11.85 4.89 -29.07
C LEU C 9 10.86 3.71 -28.89
N ASP C 10 11.11 2.57 -29.49
CA ASP C 10 10.26 1.36 -29.32
C ASP C 10 10.38 0.74 -27.89
N LEU C 11 11.58 0.73 -27.31
CA LEU C 11 11.80 0.45 -25.88
C LEU C 11 11.07 1.38 -24.89
N LEU C 12 11.05 2.68 -25.14
CA LEU C 12 10.39 3.62 -24.26
C LEU C 12 8.85 3.64 -24.36
N ASP C 13 8.32 3.13 -25.48
CA ASP C 13 6.90 2.86 -25.69
C ASP C 13 6.52 1.49 -25.02
N LEU C 14 5.98 1.57 -23.82
CA LEU C 14 5.81 0.38 -23.01
C LEU C 14 4.57 -0.45 -23.40
N GLU C 15 4.63 -1.72 -23.03
CA GLU C 15 3.51 -2.62 -23.14
C GLU C 15 2.58 -2.42 -21.95
N LYS C 16 1.29 -2.25 -22.24
CA LYS C 16 0.25 -2.06 -21.22
C LYS C 16 -0.25 -3.40 -20.76
N ILE C 17 -0.17 -3.64 -19.45
CA ILE C 17 -0.68 -4.83 -18.80
C ILE C 17 -2.10 -4.56 -18.19
N GLU C 18 -2.31 -3.35 -17.65
CA GLU C 18 -3.60 -2.96 -17.10
C GLU C 18 -3.52 -1.48 -16.83
N GLU C 19 -4.59 -0.88 -16.33
CA GLU C 19 -4.51 0.53 -15.90
C GLU C 19 -3.37 0.68 -14.88
N GLY C 20 -2.43 1.58 -15.18
CA GLY C 20 -1.31 1.76 -14.33
C GLY C 20 -0.33 0.64 -14.17
N ILE C 21 -0.32 -0.34 -15.08
CA ILE C 21 0.67 -1.44 -14.99
C ILE C 21 1.28 -1.68 -16.37
N PHE C 22 2.57 -1.37 -16.51
CA PHE C 22 3.25 -1.53 -17.77
C PHE C 22 4.55 -2.33 -17.61
N ARG C 23 5.03 -2.95 -18.70
CA ARG C 23 6.26 -3.70 -18.70
C ARG C 23 7.21 -3.22 -19.76
N GLY C 24 8.47 -2.97 -19.41
CA GLY C 24 9.44 -2.47 -20.39
C GLY C 24 10.59 -3.41 -20.53
N GLN C 25 11.08 -3.59 -21.78
CA GLN C 25 12.29 -4.35 -22.08
C GLN C 25 13.49 -3.43 -21.90
N SER C 26 14.70 -3.97 -21.91
CA SER C 26 15.95 -3.19 -21.70
C SER C 26 16.84 -3.17 -22.95
N GLU C 27 17.74 -2.18 -23.04
CA GLU C 27 18.58 -2.02 -24.22
C GLU C 27 19.45 -3.29 -24.30
N GLN C 33 24.27 -3.89 -16.04
CA GLN C 33 23.11 -3.31 -15.42
C GLN C 33 22.42 -2.22 -16.27
N VAL C 34 21.17 -1.96 -15.94
CA VAL C 34 20.32 -1.11 -16.74
C VAL C 34 20.83 0.33 -16.62
N PHE C 35 20.90 1.05 -17.75
CA PHE C 35 21.17 2.48 -17.80
C PHE C 35 20.03 3.29 -17.10
N GLY C 36 20.39 4.14 -16.13
CA GLY C 36 19.38 4.97 -15.39
C GLY C 36 18.44 5.69 -16.33
N GLY C 37 18.98 6.21 -17.44
CA GLY C 37 18.16 6.96 -18.39
C GLY C 37 16.96 6.16 -18.95
N GLN C 38 17.14 4.86 -19.15
CA GLN C 38 16.10 3.98 -19.66
C GLN C 38 15.03 3.89 -18.62
N VAL C 39 15.42 3.70 -17.35
CA VAL C 39 14.40 3.61 -16.30
C VAL C 39 13.58 4.88 -16.17
N VAL C 40 14.27 6.00 -16.15
CA VAL C 40 13.63 7.32 -16.14
C VAL C 40 12.69 7.51 -17.31
N GLY C 41 13.16 7.36 -18.53
CA GLY C 41 12.28 7.57 -19.68
C GLY C 41 11.07 6.64 -19.65
N GLN C 42 11.28 5.36 -19.38
CA GLN C 42 10.14 4.42 -19.27
C GLN C 42 9.14 4.82 -18.14
N ALA C 43 9.66 5.25 -16.99
CA ALA C 43 8.79 5.61 -15.90
C ALA C 43 7.91 6.84 -16.26
N ILE C 44 8.46 7.83 -16.96
CA ILE C 44 7.70 8.98 -17.40
C ILE C 44 6.58 8.54 -18.36
N TYR C 45 6.90 7.60 -19.23
CA TYR C 45 5.90 7.06 -20.14
C TYR C 45 4.74 6.41 -19.37
N ALA C 46 5.11 5.58 -18.41
CA ALA C 46 4.15 4.87 -17.55
C ALA C 46 3.25 5.88 -16.84
N ALA C 47 3.86 6.87 -16.23
CA ALA C 47 3.09 7.85 -15.45
C ALA C 47 2.17 8.64 -16.36
N LYS C 48 2.67 9.03 -17.53
CA LYS C 48 1.89 9.87 -18.47
C LYS C 48 0.64 9.15 -18.99
N GLN C 49 0.73 7.83 -19.19
CA GLN C 49 -0.43 7.09 -19.64
C GLN C 49 -1.63 7.22 -18.70
N THR C 50 -1.41 7.47 -17.41
CA THR C 50 -2.49 7.50 -16.42
C THR C 50 -3.13 8.88 -16.16
N VAL C 51 -2.64 9.88 -16.87
CA VAL C 51 -2.97 11.28 -16.55
C VAL C 51 -3.78 11.75 -17.78
N PRO C 52 -4.67 12.75 -17.63
CA PRO C 52 -5.34 13.35 -18.79
C PRO C 52 -4.42 13.79 -19.92
N ALA C 53 -4.86 13.68 -21.17
CA ALA C 53 -3.96 13.85 -22.34
C ALA C 53 -3.28 15.22 -22.43
N GLU C 54 -3.96 16.26 -21.96
CA GLU C 54 -3.48 17.63 -22.12
C GLU C 54 -2.48 18.00 -21.03
N ARG C 55 -2.51 17.31 -19.89
CA ARG C 55 -1.60 17.55 -18.81
C ARG C 55 -0.24 16.86 -19.09
N THR C 56 0.74 17.66 -19.47
CA THR C 56 2.11 17.14 -19.69
C THR C 56 3.05 17.26 -18.45
N VAL C 57 4.06 16.40 -18.39
CA VAL C 57 4.94 16.36 -17.21
C VAL C 57 5.64 17.69 -17.10
N HIS C 58 5.66 18.23 -15.89
CA HIS C 58 6.46 19.43 -15.58
C HIS C 58 7.57 19.13 -14.59
N SER C 59 7.50 18.05 -13.85
CA SER C 59 8.56 17.71 -12.87
C SER C 59 8.58 16.29 -12.40
N PHE C 60 9.74 15.82 -11.98
CA PHE C 60 9.79 14.51 -11.32
C PHE C 60 10.92 14.40 -10.39
N HIS C 61 10.78 13.54 -9.40
CA HIS C 61 11.83 13.21 -8.51
C HIS C 61 11.96 11.72 -8.42
N SER C 62 13.20 11.22 -8.42
CA SER C 62 13.40 9.76 -8.35
C SER C 62 14.55 9.33 -7.48
N TYR C 63 14.40 8.17 -6.85
CA TYR C 63 15.52 7.44 -6.20
C TYR C 63 15.80 6.10 -6.82
N PHE C 64 17.08 5.75 -6.96
CA PHE C 64 17.52 4.48 -7.49
C PHE C 64 17.93 3.65 -6.30
N LEU C 65 17.31 2.47 -6.16
CA LEU C 65 17.44 1.65 -4.93
C LEU C 65 18.24 0.39 -5.15
N ARG C 66 18.13 -0.20 -6.34
CA ARG C 66 18.91 -1.37 -6.67
C ARG C 66 19.21 -1.34 -8.12
N PRO C 67 20.30 -2.01 -8.52
CA PRO C 67 20.60 -2.08 -9.93
C PRO C 67 19.54 -2.91 -10.65
N GLY C 68 19.25 -2.55 -11.88
CA GLY C 68 18.34 -3.35 -12.68
C GLY C 68 19.13 -4.32 -13.53
N ASP C 69 18.48 -5.43 -13.87
CA ASP C 69 19.06 -6.43 -14.72
C ASP C 69 18.49 -6.31 -16.16
N SER C 70 19.38 -6.12 -17.14
CA SER C 70 19.04 -5.91 -18.56
C SER C 70 18.43 -7.10 -19.25
N SER C 71 18.72 -8.27 -18.74
CA SER C 71 18.28 -9.48 -19.39
C SER C 71 16.83 -9.78 -19.03
N LYS C 72 16.20 -8.98 -18.15
CA LYS C 72 14.81 -9.24 -17.76
C LYS C 72 13.91 -8.01 -17.85
N PRO C 73 12.61 -8.25 -18.00
CA PRO C 73 11.72 -7.07 -18.08
C PRO C 73 11.62 -6.28 -16.75
N ILE C 74 11.16 -5.05 -16.86
CA ILE C 74 10.85 -4.23 -15.72
C ILE C 74 9.35 -3.93 -15.75
N ILE C 75 8.67 -4.18 -14.67
CA ILE C 75 7.24 -3.82 -14.54
C ILE C 75 7.16 -2.44 -13.89
N TYR C 76 6.43 -1.53 -14.50
CA TYR C 76 6.16 -0.21 -13.94
C TYR C 76 4.74 -0.13 -13.41
N ASP C 77 4.64 0.00 -12.10
CA ASP C 77 3.37 0.18 -11.39
C ASP C 77 3.10 1.64 -11.18
N VAL C 78 1.93 2.13 -11.53
CA VAL C 78 1.70 3.58 -11.40
C VAL C 78 0.59 3.83 -10.36
N GLU C 79 0.94 4.54 -9.28
CA GLU C 79 -0.04 4.93 -8.24
C GLU C 79 -0.58 6.35 -8.42
N THR C 80 -1.90 6.47 -8.50
CA THR C 80 -2.59 7.78 -8.58
C THR C 80 -2.60 8.46 -7.25
N LEU C 81 -1.94 9.60 -7.13
CA LEU C 81 -1.85 10.22 -5.81
C LEU C 81 -2.88 11.35 -5.74
N ARG C 82 -2.95 12.20 -6.76
CA ARG C 82 -3.89 13.30 -6.77
C ARG C 82 -4.19 13.70 -8.17
N ASP C 83 -5.47 13.93 -8.47
CA ASP C 83 -5.93 14.69 -9.66
C ASP C 83 -6.72 15.98 -9.24
N GLY C 84 -6.02 17.10 -9.14
CA GLY C 84 -6.62 18.36 -8.69
C GLY C 84 -7.12 19.25 -9.82
N ASN C 85 -7.31 20.53 -9.53
CA ASN C 85 -7.87 21.44 -10.52
C ASN C 85 -6.90 21.74 -11.65
N SER C 86 -5.60 21.69 -11.33
CA SER C 86 -4.53 21.91 -12.32
C SER C 86 -3.51 20.76 -12.43
N PHE C 87 -3.17 20.15 -11.29
CA PHE C 87 -2.08 19.17 -11.18
C PHE C 87 -2.53 17.72 -11.02
N SER C 88 -1.94 16.82 -11.82
CA SER C 88 -1.99 15.37 -11.51
C SER C 88 -0.61 14.81 -11.09
N ALA C 89 -0.53 14.18 -9.90
CA ALA C 89 0.65 13.57 -9.33
C ALA C 89 0.53 12.03 -9.35
N ARG C 90 1.64 11.36 -9.67
CA ARG C 90 1.72 9.90 -9.85
C ARG C 90 3.05 9.40 -9.29
N ARG C 91 3.02 8.28 -8.62
CA ARG C 91 4.24 7.62 -8.16
C ARG C 91 4.44 6.29 -8.91
N VAL C 92 5.59 6.18 -9.60
CA VAL C 92 5.90 5.01 -10.40
C VAL C 92 6.90 4.14 -9.63
N SER C 93 6.57 2.85 -9.49
CA SER C 93 7.47 1.87 -8.97
C SER C 93 7.99 1.02 -10.11
N ALA C 94 9.31 0.94 -10.26
CA ALA C 94 9.94 0.00 -11.19
C ALA C 94 10.30 -1.24 -10.45
N ILE C 95 9.74 -2.36 -10.89
CA ILE C 95 9.83 -3.65 -10.18
C ILE C 95 10.48 -4.71 -11.03
N GLN C 96 11.37 -5.46 -10.40
CA GLN C 96 12.06 -6.60 -10.93
C GLN C 96 12.33 -7.65 -9.89
N ASN C 97 11.99 -8.89 -10.20
CA ASN C 97 12.13 -9.98 -9.23
C ASN C 97 11.41 -9.73 -7.91
N GLY C 98 10.27 -9.06 -7.99
CA GLY C 98 9.43 -8.70 -6.83
C GLY C 98 10.01 -7.63 -5.91
N LYS C 99 11.04 -6.93 -6.34
CA LYS C 99 11.58 -5.87 -5.55
C LYS C 99 11.65 -4.55 -6.34
N PRO C 100 11.39 -3.42 -5.68
CA PRO C 100 11.51 -2.12 -6.33
C PRO C 100 12.97 -1.75 -6.58
N ILE C 101 13.26 -1.36 -7.79
CA ILE C 101 14.64 -0.96 -8.12
C ILE C 101 14.74 0.55 -8.09
N PHE C 102 13.59 1.24 -8.15
CA PHE C 102 13.54 2.67 -8.47
C PHE C 102 12.10 3.12 -8.21
N TYR C 103 11.97 4.31 -7.64
CA TYR C 103 10.71 4.99 -7.47
C TYR C 103 10.81 6.41 -8.02
N MET C 104 9.72 6.86 -8.63
CA MET C 104 9.62 8.20 -9.23
C MET C 104 8.30 8.78 -8.81
N THR C 105 8.27 10.01 -8.28
CA THR C 105 7.00 10.76 -8.31
C THR C 105 7.06 11.85 -9.35
N ALA C 106 6.03 11.90 -10.18
CA ALA C 106 5.97 12.83 -11.23
C ALA C 106 4.71 13.67 -11.18
N SER C 107 4.83 14.95 -11.58
CA SER C 107 3.67 15.88 -11.60
C SER C 107 3.46 16.41 -12.98
N PHE C 108 2.17 16.59 -13.32
CA PHE C 108 1.73 16.96 -14.63
C PHE C 108 0.76 18.15 -14.50
N GLN C 109 0.76 19.01 -15.51
CA GLN C 109 -0.02 20.28 -15.47
C GLN C 109 -0.48 20.68 -16.87
N SER C 110 -1.54 21.47 -16.88
CA SER C 110 -2.13 22.00 -18.11
C SER C 110 -1.30 23.11 -18.84
N GLN C 111 -0.74 22.84 -20.03
CA GLN C 111 0.04 23.86 -20.80
C GLN C 111 -0.76 25.20 -21.01
N GLU C 112 -0.19 26.33 -20.57
CA GLU C 112 -0.93 27.59 -20.39
C GLU C 112 0.05 28.76 -20.45
N GLU C 113 -0.44 29.98 -20.19
CA GLU C 113 0.42 31.19 -20.14
C GLU C 113 0.46 31.78 -18.72
N GLY C 114 1.64 32.28 -18.34
CA GLY C 114 1.89 32.87 -17.02
C GLY C 114 3.16 33.73 -17.07
N PHE C 115 3.70 34.09 -15.93
CA PHE C 115 4.96 34.87 -15.89
C PHE C 115 6.11 34.17 -16.62
N GLU C 116 6.87 34.92 -17.42
CA GLU C 116 7.93 34.35 -18.24
C GLU C 116 9.27 35.05 -17.97
N HIS C 117 10.21 34.37 -17.30
CA HIS C 117 11.64 34.78 -17.27
C HIS C 117 12.60 33.57 -17.23
N GLN C 118 13.85 33.81 -17.66
CA GLN C 118 14.89 32.78 -17.55
C GLN C 118 16.25 33.39 -17.43
N ASN C 119 17.20 32.63 -16.87
CA ASN C 119 18.62 33.02 -16.95
C ASN C 119 19.16 32.91 -18.37
N THR C 120 20.48 32.98 -18.58
CA THR C 120 21.08 33.07 -19.88
C THR C 120 21.98 31.88 -20.17
N MET C 121 21.88 31.39 -21.39
CA MET C 121 22.64 30.25 -21.80
C MET C 121 24.13 30.60 -21.75
N PRO C 122 24.97 29.64 -21.32
CA PRO C 122 26.43 29.95 -21.31
C PRO C 122 26.94 30.11 -22.72
N ASP C 123 27.95 30.96 -22.90
CA ASP C 123 28.47 31.16 -24.26
C ASP C 123 29.48 30.07 -24.52
N VAL C 124 29.21 29.22 -25.49
CA VAL C 124 30.08 28.07 -25.76
C VAL C 124 30.20 28.01 -27.26
N PRO C 125 31.22 27.33 -27.80
CA PRO C 125 31.31 27.10 -29.23
C PRO C 125 30.12 26.26 -29.76
N PRO C 126 29.62 26.57 -30.97
CA PRO C 126 28.46 25.87 -31.50
C PRO C 126 28.81 24.44 -31.89
N PRO C 127 27.80 23.61 -32.15
CA PRO C 127 28.09 22.21 -32.39
C PRO C 127 28.75 21.93 -33.72
N GLU C 128 28.60 22.82 -34.71
CA GLU C 128 29.21 22.60 -36.03
C GLU C 128 30.73 22.38 -36.06
N GLY C 129 31.43 22.96 -35.10
CA GLY C 129 32.90 22.92 -35.03
C GLY C 129 33.40 21.85 -34.06
N LEU C 130 32.51 20.96 -33.61
CA LEU C 130 32.85 20.01 -32.54
C LEU C 130 32.68 18.58 -33.04
N MET C 131 33.64 17.76 -32.71
CA MET C 131 33.62 16.38 -33.01
C MET C 131 32.57 15.65 -32.11
N SER C 132 32.05 14.54 -32.61
CA SER C 132 31.11 13.69 -31.88
C SER C 132 31.84 12.75 -30.92
N GLU C 133 31.16 12.35 -29.83
CA GLU C 133 31.74 11.38 -28.85
C GLU C 133 32.13 10.01 -29.48
N THR C 134 31.32 9.55 -30.40
CA THR C 134 31.57 8.30 -31.04
C THR C 134 32.85 8.40 -31.89
N ASP C 135 33.06 9.51 -32.58
CA ASP C 135 34.28 9.65 -33.40
C ASP C 135 35.50 9.80 -32.49
N ILE C 136 35.39 10.59 -31.42
CA ILE C 136 36.51 10.75 -30.48
C ILE C 136 36.90 9.40 -29.81
N ALA C 137 35.90 8.55 -29.57
CA ALA C 137 36.08 7.34 -28.78
C ALA C 137 36.81 6.22 -29.54
N ARG C 138 36.80 6.29 -30.85
CA ARG C 138 37.72 5.51 -31.67
C ARG C 138 39.11 5.83 -31.09
N GLN C 139 40.06 4.90 -31.08
CA GLN C 139 41.37 5.23 -30.44
C GLN C 139 41.44 4.95 -28.95
N PHE C 140 40.29 4.83 -28.26
CA PHE C 140 40.31 4.27 -26.92
C PHE C 140 39.21 3.26 -26.64
N SER C 141 38.28 3.09 -27.56
CA SER C 141 37.18 2.12 -27.37
C SER C 141 37.66 0.67 -27.10
N HIS C 142 38.80 0.31 -27.69
CA HIS C 142 39.45 -1.01 -27.43
C HIS C 142 39.96 -1.17 -25.99
N LYS C 151 33.16 6.51 -24.74
CA LYS C 151 32.89 5.24 -24.11
C LYS C 151 32.20 4.15 -24.97
N PHE C 152 32.13 4.33 -26.30
CA PHE C 152 31.16 3.59 -27.14
C PHE C 152 31.44 3.76 -28.63
N ILE C 153 31.13 2.74 -29.41
CA ILE C 153 31.73 2.55 -30.74
C ILE C 153 30.85 2.82 -31.96
N GLY C 154 29.67 2.21 -32.05
CA GLY C 154 28.87 2.30 -33.28
C GLY C 154 27.74 3.28 -33.10
N PRO C 155 26.66 3.16 -33.92
CA PRO C 155 25.56 4.15 -33.87
C PRO C 155 24.93 4.26 -32.48
N GLN C 156 24.65 5.46 -32.05
CA GLN C 156 24.04 5.70 -30.77
C GLN C 156 22.70 6.37 -31.09
N PRO C 157 21.73 6.28 -30.15
CA PRO C 157 20.44 6.91 -30.38
C PRO C 157 20.48 8.46 -30.33
N ILE C 158 21.41 9.00 -29.55
CA ILE C 158 21.56 10.45 -29.41
C ILE C 158 22.98 10.86 -29.76
N GLU C 159 23.16 11.75 -30.70
CA GLU C 159 24.51 12.29 -31.01
C GLU C 159 24.94 13.32 -29.98
N MET C 160 26.10 13.11 -29.40
CA MET C 160 26.71 14.02 -28.45
C MET C 160 28.00 14.69 -28.94
N ARG C 161 28.09 16.00 -28.82
CA ARG C 161 29.31 16.77 -29.19
C ARG C 161 29.76 17.59 -28.01
N PRO C 162 30.79 17.12 -27.33
CA PRO C 162 31.19 17.86 -26.16
C PRO C 162 32.07 19.02 -26.51
N VAL C 163 31.94 20.11 -25.75
CA VAL C 163 32.88 21.25 -25.91
C VAL C 163 34.33 20.89 -25.56
N LYS C 164 34.49 20.17 -24.46
CA LYS C 164 35.77 19.55 -24.09
C LYS C 164 35.59 18.07 -23.89
N PHE C 165 36.51 17.27 -24.37
CA PHE C 165 36.40 15.83 -24.17
C PHE C 165 36.94 15.38 -22.78
N HIS C 166 36.25 14.44 -22.15
CA HIS C 166 36.68 13.88 -20.88
C HIS C 166 36.82 12.39 -21.03
N ASN C 167 38.07 11.88 -21.06
CA ASN C 167 38.36 10.46 -21.32
C ASN C 167 37.94 9.65 -20.11
N PRO C 168 36.99 8.70 -20.26
CA PRO C 168 36.55 7.98 -19.06
C PRO C 168 37.60 7.13 -18.39
N LEU C 169 38.71 6.84 -19.10
CA LEU C 169 39.79 5.98 -18.59
C LEU C 169 41.01 6.74 -18.11
N GLN C 170 41.06 8.05 -18.28
CA GLN C 170 42.19 8.82 -17.79
C GLN C 170 41.72 10.25 -17.42
N GLY C 171 41.62 10.57 -16.14
CA GLY C 171 41.11 11.89 -15.82
C GLY C 171 42.22 12.91 -16.01
N SER C 172 41.86 14.18 -16.01
CA SER C 172 42.81 15.26 -15.81
C SER C 172 42.12 16.28 -14.91
N VAL C 173 42.86 16.89 -14.00
CA VAL C 173 42.29 17.86 -13.09
C VAL C 173 41.70 19.04 -13.88
N GLU C 174 40.39 19.25 -13.76
CA GLU C 174 39.69 20.26 -14.56
C GLU C 174 38.61 20.87 -13.63
N GLU C 175 38.04 21.96 -14.09
CA GLU C 175 36.98 22.67 -13.32
C GLU C 175 35.73 21.76 -13.41
N PRO C 176 34.81 21.86 -12.43
CA PRO C 176 33.68 20.96 -12.36
C PRO C 176 32.50 21.41 -13.16
N ASN C 177 32.73 21.59 -14.45
CA ASN C 177 31.73 22.05 -15.40
C ASN C 177 31.89 21.30 -16.68
N ARG C 178 30.80 20.97 -17.30
CA ARG C 178 30.84 20.28 -18.56
C ARG C 178 29.73 20.85 -19.42
N TYR C 179 29.98 20.95 -20.73
CA TYR C 179 29.01 21.48 -21.69
C TYR C 179 28.98 20.57 -22.86
N VAL C 180 27.80 20.00 -23.14
CA VAL C 180 27.67 19.15 -24.30
C VAL C 180 26.44 19.33 -25.14
N TRP C 181 26.64 19.41 -26.46
CA TRP C 181 25.56 19.55 -27.38
C TRP C 181 25.01 18.19 -27.68
N PHE C 182 23.71 18.04 -27.82
CA PHE C 182 23.17 16.76 -28.19
C PHE C 182 21.90 16.85 -28.98
N ARG C 183 21.60 15.77 -29.68
CA ARG C 183 20.48 15.73 -30.61
C ARG C 183 20.15 14.28 -30.94
N ALA C 184 18.86 14.01 -31.12
CA ALA C 184 18.43 12.70 -31.59
C ALA C 184 19.02 12.39 -32.96
N ASN C 185 19.38 11.13 -33.17
CA ASN C 185 19.89 10.72 -34.45
C ASN C 185 18.80 10.30 -35.38
N GLY C 186 18.01 11.26 -35.85
CA GLY C 186 17.00 10.98 -36.80
C GLY C 186 15.76 11.77 -36.57
N LYS C 187 14.83 11.61 -37.52
CA LYS C 187 13.56 12.26 -37.40
C LYS C 187 12.78 11.65 -36.24
N MET C 188 12.21 12.54 -35.45
CA MET C 188 11.41 12.24 -34.31
C MET C 188 9.98 12.53 -34.64
N PRO C 189 9.03 11.87 -33.95
CA PRO C 189 7.63 12.23 -34.23
C PRO C 189 7.32 13.64 -33.77
N ASP C 190 6.12 14.12 -34.08
CA ASP C 190 5.66 15.46 -33.73
C ASP C 190 4.94 15.52 -32.39
N ASP C 191 5.01 14.43 -31.66
CA ASP C 191 4.46 14.33 -30.34
C ASP C 191 5.48 14.73 -29.26
N LEU C 192 5.23 15.85 -28.60
CA LEU C 192 6.03 16.35 -27.47
C LEU C 192 6.30 15.35 -26.36
N ARG C 193 5.33 14.46 -26.09
CA ARG C 193 5.49 13.60 -24.95
C ARG C 193 6.68 12.66 -25.19
N VAL C 194 6.89 12.25 -26.43
CA VAL C 194 7.99 11.38 -26.80
C VAL C 194 9.30 12.13 -26.63
N HIS C 195 9.33 13.37 -27.08
CA HIS C 195 10.50 14.20 -26.85
C HIS C 195 10.86 14.28 -25.37
N GLN C 196 9.85 14.43 -24.51
CA GLN C 196 10.05 14.46 -23.04
C GLN C 196 10.61 13.09 -22.49
N TYR C 197 10.02 11.96 -22.88
CA TYR C 197 10.55 10.67 -22.41
C TYR C 197 12.07 10.60 -22.80
N LEU C 198 12.34 10.95 -24.07
CA LEU C 198 13.71 10.83 -24.63
C LEU C 198 14.66 11.84 -23.97
N LEU C 199 14.11 13.02 -23.60
CA LEU C 199 14.91 13.98 -22.86
C LEU C 199 15.20 13.53 -21.41
N GLY C 200 14.22 12.85 -20.81
CA GLY C 200 14.44 12.19 -19.52
C GLY C 200 15.60 11.19 -19.63
N TYR C 201 15.58 10.35 -20.66
CA TYR C 201 16.67 9.40 -20.98
C TYR C 201 18.00 10.15 -21.15
N ALA C 202 18.01 11.16 -22.02
CA ALA C 202 19.23 11.93 -22.29
C ALA C 202 19.81 12.63 -21.09
N SER C 203 18.97 12.96 -20.14
CA SER C 203 19.40 13.75 -19.01
C SER C 203 20.39 13.03 -18.12
N ASP C 204 20.52 11.72 -18.29
CA ASP C 204 21.43 10.93 -17.42
C ASP C 204 22.78 10.63 -18.07
N PHE C 205 23.08 11.29 -19.17
CA PHE C 205 24.40 11.21 -19.83
C PHE C 205 25.17 12.49 -19.52
N ASN C 206 26.49 12.37 -19.46
CA ASN C 206 27.38 13.48 -19.20
C ASN C 206 27.08 14.25 -17.97
N PHE C 207 26.64 13.54 -16.94
CA PHE C 207 26.03 14.20 -15.78
C PHE C 207 26.90 13.95 -14.55
N LEU C 208 26.68 12.85 -13.84
CA LEU C 208 27.36 12.64 -12.56
C LEU C 208 28.89 12.64 -12.67
N PRO C 209 29.48 12.06 -13.76
CA PRO C 209 30.99 12.15 -13.86
C PRO C 209 31.62 13.53 -13.76
N THR C 210 30.84 14.58 -14.05
CA THR C 210 31.32 15.97 -13.83
C THR C 210 31.92 16.23 -12.44
N ALA C 211 31.38 15.55 -11.44
CA ALA C 211 31.82 15.60 -10.04
C ALA C 211 33.20 15.01 -9.77
N LEU C 212 33.65 14.18 -10.67
CA LEU C 212 35.02 13.65 -10.61
C LEU C 212 36.11 14.59 -11.22
N GLN C 213 35.70 15.61 -11.99
CA GLN C 213 36.68 16.45 -12.71
C GLN C 213 37.77 17.11 -11.86
N PRO C 214 37.44 17.66 -10.67
CA PRO C 214 38.45 18.32 -9.88
C PRO C 214 39.43 17.31 -9.30
N HIS C 215 39.08 16.01 -9.32
CA HIS C 215 39.85 14.97 -8.65
C HIS C 215 40.64 14.15 -9.59
N GLY C 216 40.46 14.42 -10.89
CA GLY C 216 41.29 13.84 -11.92
C GLY C 216 41.26 12.34 -12.03
N ILE C 217 40.04 11.77 -11.92
CA ILE C 217 39.80 10.35 -12.04
C ILE C 217 38.72 10.14 -13.07
N GLY C 218 38.94 9.23 -14.01
CA GLY C 218 37.98 9.03 -15.11
C GLY C 218 36.96 8.08 -14.52
N PHE C 219 35.72 8.19 -14.98
CA PHE C 219 34.59 7.51 -14.31
C PHE C 219 34.63 5.98 -14.53
N LEU C 220 35.31 5.53 -15.59
CA LEU C 220 35.53 4.10 -15.84
C LEU C 220 36.88 3.53 -15.39
N GLU C 221 37.65 4.29 -14.62
CA GLU C 221 38.92 3.72 -14.10
C GLU C 221 38.71 2.64 -13.07
N PRO C 222 39.62 1.65 -13.08
CA PRO C 222 39.56 0.55 -12.12
C PRO C 222 39.50 1.05 -10.71
N GLY C 223 38.60 0.47 -9.92
CA GLY C 223 38.32 0.94 -8.56
C GLY C 223 37.33 2.09 -8.33
N MET C 224 36.91 2.78 -9.38
CA MET C 224 36.04 3.94 -9.20
C MET C 224 34.62 3.36 -9.10
N GLN C 225 33.98 3.50 -7.94
CA GLN C 225 32.54 3.15 -7.90
C GLN C 225 31.73 4.44 -7.98
N ILE C 226 30.92 4.50 -9.02
CA ILE C 226 30.10 5.66 -9.28
C ILE C 226 28.65 5.08 -9.46
N ALA C 227 27.66 5.64 -8.75
CA ALA C 227 26.26 5.12 -8.81
C ALA C 227 25.31 6.26 -8.45
N THR C 228 24.39 6.53 -9.32
CA THR C 228 23.26 7.41 -9.08
C THR C 228 22.45 6.97 -7.86
N ILE C 229 22.13 7.92 -6.99
CA ILE C 229 21.28 7.74 -5.82
C ILE C 229 19.93 8.33 -6.18
N ASP C 230 19.90 9.59 -6.65
CA ASP C 230 18.67 10.23 -7.00
C ASP C 230 18.80 11.05 -8.28
N HIS C 231 17.70 11.27 -8.93
CA HIS C 231 17.64 11.99 -10.18
C HIS C 231 16.31 12.74 -10.31
N SER C 232 16.41 14.05 -10.52
CA SER C 232 15.24 14.91 -10.54
C SER C 232 15.31 15.82 -11.71
N MET C 233 14.15 16.21 -12.21
CA MET C 233 14.10 17.01 -13.40
C MET C 233 12.87 17.90 -13.48
N TRP C 234 13.03 19.07 -14.07
CA TRP C 234 11.93 20.02 -14.27
C TRP C 234 11.87 20.41 -15.70
N PHE C 235 10.69 20.22 -16.32
CA PHE C 235 10.50 20.56 -17.70
C PHE C 235 9.85 21.97 -17.73
N HIS C 236 10.63 22.99 -18.07
CA HIS C 236 10.11 24.37 -18.01
C HIS C 236 9.29 24.71 -19.26
N ARG C 237 9.74 24.30 -20.42
CA ARG C 237 9.22 24.88 -21.64
C ARG C 237 9.26 23.79 -22.64
N PRO C 238 8.44 23.89 -23.69
CA PRO C 238 8.36 22.91 -24.74
C PRO C 238 9.64 22.95 -25.58
N PHE C 239 9.96 21.87 -26.26
CA PHE C 239 11.18 21.82 -26.96
C PHE C 239 11.05 20.72 -27.97
N ARG C 240 12.05 20.65 -28.83
CA ARG C 240 12.27 19.52 -29.72
C ARG C 240 13.70 18.97 -29.55
N LEU C 241 13.83 17.65 -29.59
CA LEU C 241 15.13 16.97 -29.41
C LEU C 241 15.73 16.57 -30.75
N ASP C 242 15.04 16.84 -31.87
CA ASP C 242 15.67 16.68 -33.22
C ASP C 242 16.38 17.94 -33.74
N ASP C 243 16.50 18.97 -32.92
CA ASP C 243 17.50 20.03 -33.14
C ASP C 243 18.43 20.02 -31.94
N TRP C 244 19.58 20.71 -32.07
CA TRP C 244 20.60 20.73 -31.03
C TRP C 244 20.15 21.35 -29.71
N LEU C 245 20.44 20.65 -28.62
CA LEU C 245 20.28 21.15 -27.31
C LEU C 245 21.58 21.13 -26.60
N LEU C 246 21.79 22.10 -25.73
CA LEU C 246 22.98 22.17 -24.88
C LEU C 246 22.68 21.70 -23.46
N TYR C 247 23.43 20.70 -22.99
CA TYR C 247 23.46 20.34 -21.58
C TYR C 247 24.59 21.05 -20.85
N ALA C 248 24.24 21.97 -19.95
CA ALA C 248 25.22 22.66 -19.16
C ALA C 248 25.23 22.12 -17.75
N VAL C 249 26.34 21.51 -17.36
CA VAL C 249 26.35 20.77 -16.11
C VAL C 249 27.43 21.34 -15.25
N GLU C 250 27.16 21.43 -13.97
CA GLU C 250 28.19 21.75 -13.02
C GLU C 250 28.13 20.83 -11.84
N SER C 251 29.24 20.57 -11.19
CA SER C 251 29.18 19.89 -9.93
C SER C 251 29.52 20.94 -8.89
N THR C 252 28.52 21.35 -8.10
CA THR C 252 28.73 22.31 -7.04
C THR C 252 29.34 21.79 -5.79
N SER C 253 29.37 20.48 -5.59
CA SER C 253 29.88 19.91 -4.39
C SER C 253 30.19 18.44 -4.50
N ALA C 254 31.20 18.02 -3.77
CA ALA C 254 31.35 16.61 -3.38
C ALA C 254 31.86 16.56 -1.97
N SER C 255 31.33 15.62 -1.25
CA SER C 255 31.88 15.18 0.03
C SER C 255 31.07 13.96 0.52
N GLY C 256 31.64 13.26 1.49
CA GLY C 256 30.93 12.21 2.16
C GLY C 256 30.82 10.93 1.35
N ALA C 257 31.67 10.85 0.32
CA ALA C 257 31.64 9.86 -0.74
C ALA C 257 30.45 10.06 -1.72
N ARG C 258 29.94 11.26 -1.79
CA ARG C 258 28.91 11.60 -2.70
C ARG C 258 29.37 12.75 -3.59
N GLY C 259 28.73 12.85 -4.74
CA GLY C 259 28.96 13.91 -5.72
C GLY C 259 27.65 14.49 -6.09
N PHE C 260 27.63 15.81 -6.27
CA PHE C 260 26.38 16.51 -6.54
C PHE C 260 26.49 17.35 -7.85
N VAL C 261 25.52 17.17 -8.73
CA VAL C 261 25.57 17.83 -10.01
C VAL C 261 24.23 18.50 -10.32
N ARG C 262 24.32 19.71 -10.90
CA ARG C 262 23.14 20.41 -11.43
C ARG C 262 23.25 20.67 -12.89
N GLY C 263 22.15 20.47 -13.60
CA GLY C 263 22.14 20.61 -15.04
C GLY C 263 21.05 21.62 -15.50
N GLN C 264 21.29 22.26 -16.62
CA GLN C 264 20.33 23.14 -17.27
C GLN C 264 20.44 22.84 -18.70
N ILE C 265 19.31 22.69 -19.38
CA ILE C 265 19.27 22.33 -20.79
C ILE C 265 18.65 23.47 -21.61
N TYR C 266 19.39 23.89 -22.64
CA TYR C 266 19.05 25.05 -23.45
C TYR C 266 18.90 24.62 -24.82
N ASN C 267 17.96 25.19 -25.60
CA ASN C 267 18.02 24.98 -27.05
C ASN C 267 18.98 26.03 -27.70
N ARG C 268 19.27 25.83 -28.99
CA ARG C 268 20.35 26.55 -29.70
C ARG C 268 20.06 28.07 -29.74
N GLU C 269 18.77 28.39 -29.70
CA GLU C 269 18.31 29.75 -29.77
C GLU C 269 18.26 30.35 -28.37
N GLY C 270 18.71 29.60 -27.36
CA GLY C 270 18.92 30.10 -25.99
C GLY C 270 17.83 29.88 -24.94
N VAL C 271 16.76 29.20 -25.33
CA VAL C 271 15.64 28.95 -24.43
C VAL C 271 16.01 27.87 -23.41
N LEU C 272 15.74 28.17 -22.14
CA LEU C 272 15.92 27.24 -21.06
C LEU C 272 14.70 26.30 -21.06
N VAL C 273 14.94 25.05 -21.42
CA VAL C 273 13.83 24.09 -21.49
C VAL C 273 13.68 23.17 -20.26
N ALA C 274 14.77 22.85 -19.62
CA ALA C 274 14.76 21.95 -18.46
C ALA C 274 15.93 22.11 -17.54
N SER C 275 15.70 21.76 -16.28
CA SER C 275 16.74 21.71 -15.28
C SER C 275 16.81 20.36 -14.60
N THR C 276 17.98 20.01 -14.08
CA THR C 276 18.19 18.69 -13.48
C THR C 276 19.09 18.74 -12.29
N VAL C 277 18.88 17.78 -11.39
CA VAL C 277 19.70 17.63 -10.22
C VAL C 277 19.98 16.13 -9.96
N GLN C 278 21.23 15.75 -9.66
CA GLN C 278 21.49 14.36 -9.23
C GLN C 278 22.59 14.34 -8.20
N GLU C 279 22.42 13.42 -7.26
CA GLU C 279 23.46 13.07 -6.36
C GLU C 279 23.77 11.58 -6.58
N GLY C 280 25.05 11.26 -6.57
CA GLY C 280 25.48 9.91 -6.63
C GLY C 280 26.62 9.58 -5.70
N VAL C 281 26.89 8.26 -5.61
CA VAL C 281 28.06 7.76 -4.87
C VAL C 281 29.30 7.91 -5.76
N ILE C 282 30.40 8.45 -5.22
CA ILE C 282 31.67 8.50 -5.98
C ILE C 282 32.70 8.08 -4.93
N ARG C 283 33.25 6.90 -5.12
CA ARG C 283 34.17 6.30 -4.19
C ARG C 283 35.27 5.59 -5.00
N LEU C 284 36.50 5.89 -4.67
CA LEU C 284 37.63 5.15 -5.17
C LEU C 284 37.99 4.03 -4.19
N HIS C 285 38.03 2.80 -4.68
CA HIS C 285 38.58 1.66 -3.92
C HIS C 285 40.00 1.31 -4.40
N ALA D 4 10.53 31.13 21.99
CA ALA D 4 10.01 31.07 20.58
C ALA D 4 10.80 30.16 19.62
N LEU D 5 12.06 29.88 19.96
CA LEU D 5 12.85 28.80 19.35
C LEU D 5 12.66 27.50 20.12
N GLU D 6 12.46 27.64 21.43
CA GLU D 6 12.25 26.53 22.35
C GLU D 6 10.96 25.79 22.01
N LYS D 7 9.99 26.58 21.54
CA LYS D 7 8.67 26.11 21.11
C LYS D 7 8.64 25.53 19.64
N LEU D 8 9.72 25.70 18.88
CA LEU D 8 9.92 24.95 17.61
C LEU D 8 10.63 23.65 17.94
N LEU D 9 11.77 23.73 18.60
CA LEU D 9 12.51 22.50 18.93
C LEU D 9 11.67 21.41 19.67
N ASP D 10 10.76 21.83 20.55
CA ASP D 10 9.72 20.95 21.15
C ASP D 10 8.66 20.50 20.07
N LEU D 11 8.15 21.46 19.29
CA LEU D 11 7.23 21.18 18.19
C LEU D 11 7.75 20.25 17.02
N LEU D 12 9.07 20.03 16.96
CA LEU D 12 9.68 19.08 16.01
C LEU D 12 10.02 17.77 16.68
N ASP D 13 10.04 17.72 18.02
CA ASP D 13 10.25 16.46 18.76
C ASP D 13 8.91 15.69 18.83
N LEU D 14 8.67 14.90 17.79
CA LEU D 14 7.35 14.32 17.49
C LEU D 14 6.92 13.28 18.47
N GLU D 15 5.61 13.26 18.74
CA GLU D 15 4.99 12.18 19.53
C GLU D 15 4.88 10.84 18.77
N LYS D 16 5.62 9.83 19.23
CA LYS D 16 5.50 8.47 18.71
C LYS D 16 4.12 7.88 19.06
N ILE D 17 3.50 7.25 18.07
CA ILE D 17 2.32 6.39 18.26
C ILE D 17 2.79 4.96 18.20
N GLU D 18 3.38 4.56 17.08
CA GLU D 18 3.90 3.21 16.94
C GLU D 18 5.15 3.36 16.07
N GLU D 19 5.86 2.27 15.78
CA GLU D 19 7.07 2.37 14.96
C GLU D 19 6.66 2.88 13.58
N GLY D 20 7.12 4.04 13.14
CA GLY D 20 6.73 4.59 11.80
C GLY D 20 5.47 5.42 11.80
N ILE D 21 4.95 5.71 12.98
CA ILE D 21 3.75 6.51 13.08
C ILE D 21 3.97 7.59 14.11
N PHE D 22 3.63 8.80 13.71
CA PHE D 22 4.07 10.00 14.42
C PHE D 22 3.05 11.07 14.39
N ARG D 23 2.89 11.69 15.55
CA ARG D 23 2.03 12.84 15.70
C ARG D 23 2.86 14.07 16.03
N GLY D 24 2.49 15.12 15.33
CA GLY D 24 3.16 16.37 15.43
C GLY D 24 2.14 17.46 15.46
N GLN D 25 2.32 18.36 16.41
CA GLN D 25 1.46 19.52 16.51
C GLN D 25 1.77 20.50 15.40
N SER D 26 0.77 21.24 14.98
CA SER D 26 1.01 22.33 14.08
C SER D 26 1.28 23.56 14.96
N GLU D 27 1.72 24.65 14.33
CA GLU D 27 2.04 25.91 15.00
C GLU D 27 0.88 26.89 14.87
N GLN D 33 -3.05 27.68 6.39
CA GLN D 33 -2.03 26.72 5.98
C GLN D 33 -0.90 26.59 7.00
N VAL D 34 -0.48 25.35 7.24
CA VAL D 34 0.77 25.15 7.98
C VAL D 34 1.91 25.67 7.10
N PHE D 35 3.05 25.94 7.71
CA PHE D 35 4.09 26.61 6.96
C PHE D 35 4.56 25.83 5.70
N GLY D 36 4.95 24.58 5.85
CA GLY D 36 5.65 23.90 4.72
C GLY D 36 6.95 23.48 5.31
N GLY D 37 7.73 24.46 5.78
CA GLY D 37 8.90 24.11 6.54
C GLY D 37 8.56 23.33 7.77
N GLN D 38 7.42 23.64 8.38
CA GLN D 38 6.97 22.87 9.53
C GLN D 38 6.81 21.42 9.09
N VAL D 39 6.09 21.21 8.03
CA VAL D 39 5.85 19.84 7.50
C VAL D 39 7.18 19.13 7.13
N VAL D 40 8.13 19.89 6.55
CA VAL D 40 9.42 19.32 6.14
C VAL D 40 10.21 18.90 7.33
N GLY D 41 10.32 19.78 8.32
CA GLY D 41 11.06 19.45 9.52
C GLY D 41 10.52 18.27 10.25
N GLN D 42 9.21 18.24 10.44
CA GLN D 42 8.52 17.08 11.12
C GLN D 42 8.71 15.75 10.31
N ALA D 43 8.55 15.85 9.01
CA ALA D 43 8.76 14.71 8.12
C ALA D 43 10.17 14.16 8.29
N ILE D 44 11.17 15.05 8.30
CA ILE D 44 12.53 14.62 8.50
C ILE D 44 12.71 13.94 9.84
N TYR D 45 12.07 14.48 10.90
CA TYR D 45 12.14 13.80 12.21
C TYR D 45 11.51 12.40 12.13
N ALA D 46 10.29 12.35 11.65
CA ALA D 46 9.55 11.04 11.48
C ALA D 46 10.47 10.00 10.87
N ALA D 47 11.09 10.36 9.73
CA ALA D 47 11.98 9.39 9.01
C ALA D 47 13.20 8.99 9.76
N LYS D 48 13.90 9.96 10.37
CA LYS D 48 15.11 9.66 11.14
C LYS D 48 14.85 8.75 12.31
N GLN D 49 13.69 8.89 12.94
CA GLN D 49 13.37 7.91 14.01
C GLN D 49 13.52 6.45 13.49
N THR D 50 13.19 6.21 12.20
CA THR D 50 13.16 4.77 11.63
C THR D 50 14.48 4.20 11.10
N VAL D 51 15.55 4.97 11.20
CA VAL D 51 16.84 4.61 10.59
C VAL D 51 17.90 4.30 11.64
N PRO D 52 18.91 3.48 11.30
CA PRO D 52 20.04 3.16 12.14
C PRO D 52 20.76 4.39 12.62
N ALA D 53 21.29 4.32 13.84
CA ALA D 53 21.81 5.51 14.56
C ALA D 53 22.84 6.28 13.73
N GLU D 54 23.84 5.55 13.24
CA GLU D 54 24.98 6.13 12.52
C GLU D 54 24.57 6.91 11.22
N ARG D 55 23.38 6.66 10.66
CA ARG D 55 23.01 7.25 9.34
C ARG D 55 22.21 8.51 9.39
N THR D 56 22.82 9.64 8.99
CA THR D 56 22.14 10.91 8.94
C THR D 56 21.61 11.27 7.54
N VAL D 57 20.61 12.10 7.53
CA VAL D 57 20.00 12.51 6.31
C VAL D 57 20.95 13.27 5.37
N HIS D 58 20.83 12.95 4.07
CA HIS D 58 21.66 13.58 3.05
C HIS D 58 20.85 14.17 1.96
N SER D 59 19.62 13.69 1.78
CA SER D 59 18.72 14.22 0.80
C SER D 59 17.25 13.88 1.03
N PHE D 60 16.39 14.75 0.53
CA PHE D 60 14.98 14.42 0.44
C PHE D 60 14.40 15.08 -0.75
N HIS D 61 13.30 14.50 -1.23
CA HIS D 61 12.48 15.09 -2.20
C HIS D 61 11.04 15.11 -1.63
N SER D 62 10.29 16.18 -1.82
CA SER D 62 8.92 16.25 -1.27
C SER D 62 7.98 16.88 -2.27
N TYR D 63 6.72 16.44 -2.26
CA TYR D 63 5.65 17.10 -3.01
C TYR D 63 4.55 17.53 -2.01
N PHE D 64 3.86 18.63 -2.38
CA PHE D 64 2.78 19.19 -1.59
C PHE D 64 1.51 18.93 -2.38
N LEU D 65 0.61 18.13 -1.79
CA LEU D 65 -0.63 17.77 -2.48
C LEU D 65 -1.84 18.65 -2.09
N ARG D 66 -1.96 18.93 -0.81
CA ARG D 66 -3.07 19.73 -0.27
C ARG D 66 -2.58 20.71 0.77
N PRO D 67 -3.25 21.86 0.89
CA PRO D 67 -2.97 22.74 2.03
C PRO D 67 -3.10 22.10 3.42
N GLY D 68 -2.14 22.36 4.28
CA GLY D 68 -2.28 21.92 5.67
C GLY D 68 -3.38 22.72 6.38
N ASP D 69 -3.73 22.27 7.58
CA ASP D 69 -4.64 23.01 8.47
C ASP D 69 -3.98 23.19 9.81
N SER D 70 -3.65 24.43 10.13
CA SER D 70 -2.84 24.78 11.32
C SER D 70 -3.53 24.41 12.60
N SER D 71 -4.85 24.35 12.54
CA SER D 71 -5.64 24.03 13.73
C SER D 71 -5.40 22.61 14.25
N LYS D 72 -4.90 21.70 13.40
CA LYS D 72 -4.92 20.25 13.72
C LYS D 72 -3.57 19.54 13.67
N PRO D 73 -3.52 18.40 14.33
CA PRO D 73 -2.31 17.61 14.15
C PRO D 73 -2.15 17.10 12.70
N ILE D 74 -0.95 16.61 12.43
CA ILE D 74 -0.63 15.94 11.19
C ILE D 74 -0.06 14.64 11.67
N ILE D 75 -0.50 13.53 11.07
CA ILE D 75 0.18 12.25 11.23
C ILE D 75 1.16 12.08 10.08
N TYR D 76 2.26 11.51 10.42
CA TYR D 76 3.36 11.27 9.55
C TYR D 76 3.50 9.79 9.68
N ASP D 77 3.16 9.13 8.60
CA ASP D 77 3.35 7.72 8.47
C ASP D 77 4.61 7.49 7.64
N VAL D 78 5.47 6.59 8.10
CA VAL D 78 6.78 6.32 7.50
C VAL D 78 6.89 4.87 6.97
N GLU D 79 6.97 4.72 5.66
CA GLU D 79 7.34 3.46 5.04
C GLU D 79 8.83 3.28 4.92
N THR D 80 9.31 2.11 5.29
CA THR D 80 10.67 1.74 5.13
C THR D 80 10.82 1.25 3.70
N LEU D 81 11.67 1.93 2.93
CA LEU D 81 11.88 1.60 1.53
C LEU D 81 13.09 0.71 1.30
N ARG D 82 14.19 0.99 1.99
CA ARG D 82 15.38 0.19 1.85
C ARG D 82 16.41 0.45 2.91
N ASP D 83 17.15 -0.59 3.23
CA ASP D 83 18.27 -0.52 4.14
C ASP D 83 19.42 -1.21 3.47
N GLY D 84 20.30 -0.42 2.85
CA GLY D 84 21.42 -0.92 2.09
C GLY D 84 22.70 -1.04 2.86
N ASN D 85 23.79 -1.36 2.16
CA ASN D 85 25.15 -1.35 2.76
C ASN D 85 25.55 0.02 3.32
N SER D 86 25.09 1.10 2.69
CA SER D 86 25.39 2.48 3.14
C SER D 86 24.20 3.38 3.39
N PHE D 87 23.22 3.25 2.52
CA PHE D 87 22.07 4.07 2.45
C PHE D 87 20.78 3.41 2.91
N SER D 88 19.98 4.18 3.66
CA SER D 88 18.60 3.84 4.03
C SER D 88 17.67 4.87 3.46
N ALA D 89 16.53 4.40 2.99
CA ALA D 89 15.52 5.23 2.40
C ALA D 89 14.15 5.06 3.03
N ARG D 90 13.45 6.17 3.21
CA ARG D 90 12.17 6.19 3.90
C ARG D 90 11.22 7.03 3.12
N ARG D 91 9.92 6.70 3.09
CA ARG D 91 8.93 7.56 2.48
C ARG D 91 7.99 8.00 3.59
N VAL D 92 7.79 9.31 3.73
CA VAL D 92 6.96 9.86 4.81
C VAL D 92 5.70 10.37 4.18
N SER D 93 4.56 9.96 4.75
CA SER D 93 3.28 10.39 4.25
C SER D 93 2.64 11.28 5.34
N ALA D 94 2.40 12.54 5.03
CA ALA D 94 1.84 13.45 6.01
C ALA D 94 0.34 13.46 5.83
N ILE D 95 -0.35 12.97 6.85
CA ILE D 95 -1.80 12.77 6.74
C ILE D 95 -2.62 13.63 7.70
N GLN D 96 -3.58 14.33 7.13
CA GLN D 96 -4.51 15.11 7.88
C GLN D 96 -5.93 14.97 7.26
N ASN D 97 -6.93 14.73 8.10
CA ASN D 97 -8.34 14.59 7.63
C ASN D 97 -8.55 13.40 6.67
N GLY D 98 -7.86 12.31 6.97
CA GLY D 98 -7.83 11.12 6.11
C GLY D 98 -7.37 11.29 4.67
N LYS D 99 -6.68 12.41 4.37
CA LYS D 99 -6.13 12.64 3.03
C LYS D 99 -4.65 12.92 3.13
N PRO D 100 -3.86 12.52 2.09
CA PRO D 100 -2.44 12.92 2.11
C PRO D 100 -2.29 14.37 1.66
N ILE D 101 -1.57 15.14 2.46
CA ILE D 101 -1.32 16.54 2.14
C ILE D 101 0.11 16.74 1.52
N PHE D 102 0.95 15.74 1.71
CA PHE D 102 2.40 15.82 1.44
C PHE D 102 3.04 14.45 1.52
N TYR D 103 4.04 14.25 0.66
CA TYR D 103 4.85 13.05 0.63
C TYR D 103 6.35 13.41 0.56
N MET D 104 7.18 12.73 1.30
CA MET D 104 8.62 12.96 1.20
C MET D 104 9.36 11.61 1.15
N THR D 105 10.27 11.45 0.19
CA THR D 105 11.24 10.40 0.27
C THR D 105 12.59 10.93 0.68
N ALA D 106 13.20 10.29 1.65
CA ALA D 106 14.41 10.75 2.22
C ALA D 106 15.39 9.65 2.31
N SER D 107 16.65 10.01 2.06
CA SER D 107 17.78 9.09 2.12
C SER D 107 18.81 9.46 3.19
N PHE D 108 19.42 8.45 3.77
CA PHE D 108 20.29 8.63 4.92
C PHE D 108 21.53 7.80 4.73
N GLN D 109 22.67 8.35 5.14
CA GLN D 109 23.96 7.75 4.96
C GLN D 109 24.83 8.09 6.15
N SER D 110 25.71 7.19 6.48
CA SER D 110 26.65 7.44 7.55
C SER D 110 27.80 8.25 6.97
N GLN D 111 28.28 9.18 7.80
CA GLN D 111 29.36 10.08 7.42
C GLN D 111 30.62 9.24 7.15
N GLU D 112 31.31 9.60 6.06
CA GLU D 112 32.44 8.84 5.54
C GLU D 112 33.38 9.85 4.83
N GLU D 113 34.63 9.44 4.64
CA GLU D 113 35.69 10.28 4.08
C GLU D 113 35.70 10.15 2.56
N GLY D 114 35.55 11.24 1.82
CA GLY D 114 35.74 11.10 0.36
C GLY D 114 36.18 12.34 -0.31
N PHE D 115 36.00 12.36 -1.62
CA PHE D 115 36.35 13.53 -2.45
C PHE D 115 35.66 14.81 -2.00
N GLU D 116 36.44 15.91 -1.97
CA GLU D 116 35.98 17.21 -1.52
C GLU D 116 36.19 18.33 -2.51
N HIS D 117 35.11 19.00 -2.87
CA HIS D 117 35.20 20.25 -3.57
C HIS D 117 33.88 20.97 -3.38
N GLN D 118 33.87 22.23 -3.68
CA GLN D 118 32.65 23.06 -3.65
C GLN D 118 32.80 24.31 -4.45
N ASN D 119 31.70 24.95 -4.78
CA ASN D 119 31.78 26.26 -5.38
C ASN D 119 32.01 27.39 -4.33
N THR D 120 31.89 28.64 -4.76
CA THR D 120 32.24 29.77 -3.89
C THR D 120 31.04 30.57 -3.50
N MET D 121 30.95 30.85 -2.22
CA MET D 121 29.83 31.63 -1.64
C MET D 121 29.73 32.96 -2.36
N PRO D 122 28.51 33.44 -2.68
CA PRO D 122 28.48 34.75 -3.36
C PRO D 122 29.08 35.87 -2.51
N ASP D 123 29.54 36.94 -3.16
CA ASP D 123 30.07 38.11 -2.45
C ASP D 123 28.89 38.97 -1.95
N VAL D 124 28.73 39.08 -0.65
CA VAL D 124 27.63 39.85 -0.12
C VAL D 124 28.13 40.51 1.15
N PRO D 125 27.45 41.59 1.60
CA PRO D 125 27.79 42.16 2.90
C PRO D 125 27.73 41.11 4.00
N PRO D 126 28.55 41.26 5.03
CA PRO D 126 28.50 40.33 6.14
C PRO D 126 27.28 40.61 7.06
N PRO D 127 26.87 39.62 7.88
CA PRO D 127 25.69 39.77 8.71
C PRO D 127 25.86 40.77 9.86
N GLU D 128 27.10 41.06 10.25
CA GLU D 128 27.32 41.86 11.46
C GLU D 128 26.85 43.30 11.28
N GLY D 129 26.87 43.80 10.04
CA GLY D 129 26.44 45.15 9.75
C GLY D 129 24.97 45.29 9.39
N LEU D 130 24.22 44.19 9.41
CA LEU D 130 22.92 44.18 8.77
C LEU D 130 21.81 44.20 9.81
N MET D 131 20.72 44.85 9.47
CA MET D 131 19.51 44.85 10.28
C MET D 131 18.74 43.54 10.07
N SER D 132 18.16 43.06 11.18
CA SER D 132 17.24 41.92 11.22
C SER D 132 15.91 42.33 10.67
N GLU D 133 15.09 41.35 10.29
CA GLU D 133 13.71 41.64 9.80
C GLU D 133 12.85 42.24 10.92
N THR D 134 13.10 41.85 12.16
CA THR D 134 12.44 42.47 13.34
C THR D 134 12.86 43.96 13.55
N ASP D 135 14.05 44.36 13.12
CA ASP D 135 14.49 45.75 13.19
C ASP D 135 13.94 46.61 12.07
N ILE D 136 13.98 46.10 10.84
CA ILE D 136 13.35 46.82 9.71
C ILE D 136 11.84 47.04 9.94
N ALA D 137 11.14 46.04 10.50
CA ALA D 137 9.71 46.22 10.78
C ALA D 137 9.50 47.35 11.81
N ARG D 138 10.37 47.42 12.83
CA ARG D 138 10.38 48.51 13.82
C ARG D 138 10.45 49.91 13.21
N GLN D 139 11.43 50.18 12.33
CA GLN D 139 11.29 51.27 11.31
C GLN D 139 9.83 51.73 11.09
N GLY D 154 6.02 39.91 18.14
CA GLY D 154 6.61 38.89 19.01
C GLY D 154 7.89 38.31 18.44
N PRO D 155 8.70 37.64 19.29
CA PRO D 155 10.02 37.14 18.85
C PRO D 155 9.93 36.06 17.75
N GLN D 156 11.01 35.92 16.99
CA GLN D 156 11.08 34.90 15.94
C GLN D 156 11.99 33.78 16.36
N PRO D 157 11.64 32.55 15.95
CA PRO D 157 12.52 31.43 16.25
C PRO D 157 13.89 31.56 15.51
N ILE D 158 13.86 32.02 14.28
CA ILE D 158 15.06 32.18 13.49
C ILE D 158 15.22 33.66 13.13
N GLU D 159 16.35 34.25 13.54
CA GLU D 159 16.70 35.66 13.17
C GLU D 159 17.13 35.72 11.70
N MET D 160 16.50 36.59 10.93
CA MET D 160 16.81 36.79 9.52
C MET D 160 17.37 38.22 9.17
N ARG D 161 18.61 38.33 8.64
CA ARG D 161 19.11 39.64 8.14
C ARG D 161 19.31 39.64 6.64
N PRO D 162 18.38 40.27 5.91
CA PRO D 162 18.46 40.24 4.50
C PRO D 162 19.38 41.27 3.95
N VAL D 163 20.01 40.95 2.83
CA VAL D 163 20.81 41.90 2.06
C VAL D 163 19.85 42.92 1.42
N LYS D 164 18.70 42.42 1.02
CA LYS D 164 17.64 43.27 0.47
C LYS D 164 16.26 42.83 0.96
N PHE D 165 15.60 43.68 1.75
CA PHE D 165 14.19 43.46 2.16
C PHE D 165 13.31 43.71 0.97
N HIS D 166 12.35 42.81 0.73
CA HIS D 166 11.33 43.01 -0.31
C HIS D 166 9.99 43.24 0.31
N ASN D 167 9.13 43.98 -0.38
CA ASN D 167 7.81 44.38 0.17
C ASN D 167 6.68 43.46 -0.26
N PRO D 168 6.19 42.62 0.67
CA PRO D 168 5.26 41.59 0.27
C PRO D 168 3.89 42.04 -0.20
N LEU D 169 3.44 43.26 0.14
CA LEU D 169 2.16 43.82 -0.42
C LEU D 169 2.42 44.88 -1.49
N GLN D 170 3.69 45.07 -1.87
CA GLN D 170 4.07 46.11 -2.86
C GLN D 170 4.83 45.49 -4.02
N GLY D 171 6.17 45.60 -4.01
CA GLY D 171 7.00 44.94 -5.01
C GLY D 171 7.28 45.81 -6.22
N SER D 172 8.51 45.71 -6.71
CA SER D 172 8.98 46.36 -7.95
C SER D 172 10.00 45.42 -8.62
N VAL D 173 10.38 45.72 -9.86
CA VAL D 173 11.17 44.77 -10.63
C VAL D 173 12.66 44.80 -10.23
N GLU D 174 13.15 43.61 -9.84
CA GLU D 174 14.54 43.41 -9.55
C GLU D 174 15.00 42.07 -10.14
N GLU D 175 16.30 41.81 -10.02
CA GLU D 175 16.91 40.57 -10.52
C GLU D 175 16.40 39.41 -9.67
N PRO D 176 16.32 38.19 -10.28
CA PRO D 176 15.78 37.03 -9.58
C PRO D 176 16.78 36.35 -8.63
N ASN D 177 17.32 37.11 -7.69
CA ASN D 177 18.35 36.64 -6.78
C ASN D 177 18.00 37.20 -5.42
N ARG D 178 18.30 36.46 -4.36
CA ARG D 178 18.01 36.87 -2.98
C ARG D 178 19.04 36.28 -2.05
N TYR D 179 19.50 37.08 -1.09
CA TYR D 179 20.51 36.65 -0.14
C TYR D 179 20.04 37.03 1.22
N VAL D 180 19.96 36.07 2.13
CA VAL D 180 19.63 36.39 3.50
C VAL D 180 20.39 35.58 4.49
N TRP D 181 21.01 36.24 5.46
CA TRP D 181 21.66 35.57 6.53
C TRP D 181 20.62 35.13 7.56
N PHE D 182 20.85 33.97 8.18
CA PHE D 182 19.97 33.47 9.22
C PHE D 182 20.69 32.71 10.28
N ARG D 183 20.07 32.67 11.45
CA ARG D 183 20.62 32.09 12.64
C ARG D 183 19.41 31.85 13.53
N ALA D 184 19.50 30.81 14.35
CA ALA D 184 18.46 30.47 15.29
C ALA D 184 18.50 31.48 16.43
N ASN D 185 17.34 32.03 16.76
CA ASN D 185 17.20 32.94 17.91
C ASN D 185 17.26 32.24 19.23
N GLY D 186 18.45 31.82 19.59
CA GLY D 186 18.65 31.02 20.79
C GLY D 186 19.84 30.11 20.63
N LYS D 187 20.25 29.50 21.73
CA LYS D 187 21.34 28.51 21.73
C LYS D 187 20.66 27.15 21.47
N MET D 188 21.21 26.34 20.56
CA MET D 188 20.66 25.02 20.21
C MET D 188 21.51 23.88 20.76
N PRO D 189 20.91 22.69 20.87
CA PRO D 189 21.65 21.57 21.42
C PRO D 189 22.77 21.12 20.49
N ASP D 190 23.66 20.28 21.01
CA ASP D 190 24.79 19.74 20.25
C ASP D 190 24.43 18.55 19.33
N ASP D 191 23.15 18.24 19.24
CA ASP D 191 22.66 17.16 18.37
C ASP D 191 22.49 17.62 16.91
N LEU D 192 23.38 17.19 16.02
CA LEU D 192 23.27 17.54 14.57
C LEU D 192 21.87 17.31 13.96
N ARG D 193 21.19 16.24 14.36
CA ARG D 193 19.80 15.96 13.85
C ARG D 193 18.84 17.14 13.95
N VAL D 194 18.84 17.79 15.11
CA VAL D 194 17.93 18.93 15.40
C VAL D 194 18.29 20.14 14.51
N HIS D 195 19.59 20.35 14.29
CA HIS D 195 19.99 21.41 13.31
C HIS D 195 19.48 21.12 11.91
N GLN D 196 19.59 19.87 11.50
CA GLN D 196 18.95 19.44 10.22
C GLN D 196 17.45 19.59 10.21
N TYR D 197 16.73 19.16 11.24
CA TYR D 197 15.26 19.39 11.18
C TYR D 197 15.03 20.90 11.00
N LEU D 198 15.76 21.69 11.77
CA LEU D 198 15.54 23.14 11.74
C LEU D 198 15.94 23.78 10.42
N LEU D 199 17.06 23.33 9.85
CA LEU D 199 17.46 23.80 8.49
C LEU D 199 16.45 23.45 7.44
N GLY D 200 15.82 22.28 7.56
CA GLY D 200 14.71 21.96 6.61
C GLY D 200 13.58 22.95 6.72
N TYR D 201 13.14 23.18 7.96
CA TYR D 201 12.18 24.26 8.28
C TYR D 201 12.70 25.56 7.66
N ALA D 202 13.92 25.95 7.98
CA ALA D 202 14.40 27.29 7.51
C ALA D 202 14.50 27.40 6.01
N SER D 203 14.61 26.26 5.33
CA SER D 203 14.86 26.21 3.89
C SER D 203 13.68 26.67 3.05
N ASP D 204 12.47 26.74 3.63
CA ASP D 204 11.29 27.20 2.90
C ASP D 204 10.99 28.70 3.11
N PHE D 205 11.79 29.35 3.96
CA PHE D 205 11.80 30.84 4.09
C PHE D 205 12.71 31.49 3.08
N ASN D 206 12.22 32.57 2.50
CA ASN D 206 12.91 33.42 1.51
C ASN D 206 13.32 32.68 0.29
N PHE D 207 12.38 31.90 -0.20
CA PHE D 207 12.70 31.02 -1.28
C PHE D 207 11.80 31.28 -2.48
N LEU D 208 10.64 30.64 -2.57
CA LEU D 208 9.74 30.81 -3.71
C LEU D 208 9.37 32.26 -4.16
N PRO D 209 9.13 33.19 -3.21
CA PRO D 209 8.89 34.59 -3.62
C PRO D 209 9.97 35.18 -4.58
N THR D 210 11.24 34.80 -4.38
CA THR D 210 12.35 35.19 -5.31
C THR D 210 11.94 35.11 -6.75
N ALA D 211 11.11 34.11 -7.12
CA ALA D 211 10.66 33.96 -8.54
C ALA D 211 9.74 35.07 -9.02
N LEU D 212 9.07 35.74 -8.08
CA LEU D 212 8.24 36.93 -8.41
C LEU D 212 9.09 38.21 -8.67
N GLN D 213 10.24 38.31 -7.96
CA GLN D 213 11.09 39.50 -7.97
C GLN D 213 11.17 40.18 -9.35
N PRO D 214 11.39 39.42 -10.46
CA PRO D 214 11.37 40.01 -11.80
C PRO D 214 10.04 40.54 -12.39
N HIS D 215 8.92 40.23 -11.75
CA HIS D 215 7.63 40.65 -12.31
C HIS D 215 6.96 41.78 -11.49
N GLY D 216 7.60 42.19 -10.39
CA GLY D 216 7.15 43.36 -9.62
C GLY D 216 6.06 43.13 -8.59
N ILE D 217 5.86 41.86 -8.21
CA ILE D 217 4.73 41.49 -7.37
C ILE D 217 5.21 40.90 -6.05
N GLY D 218 4.66 41.41 -4.97
CA GLY D 218 4.91 40.88 -3.63
C GLY D 218 4.20 39.54 -3.44
N PHE D 219 4.60 38.79 -2.41
CA PHE D 219 4.02 37.46 -2.14
C PHE D 219 2.76 37.50 -1.25
N LEU D 220 2.35 38.70 -0.78
CA LEU D 220 1.08 38.90 -0.06
C LEU D 220 0.17 39.89 -0.81
N GLU D 221 0.47 40.15 -2.09
CA GLU D 221 -0.36 41.02 -2.93
C GLU D 221 -1.72 40.33 -3.16
N PRO D 222 -2.83 41.11 -3.27
CA PRO D 222 -4.14 40.46 -3.41
C PRO D 222 -4.45 39.96 -4.84
N GLY D 223 -4.90 38.71 -4.90
CA GLY D 223 -5.16 38.04 -6.18
C GLY D 223 -3.91 37.42 -6.77
N MET D 224 -2.91 37.21 -5.93
CA MET D 224 -1.71 36.49 -6.32
C MET D 224 -1.76 35.13 -5.68
N GLN D 225 -1.81 34.10 -6.51
CA GLN D 225 -1.92 32.71 -6.04
C GLN D 225 -0.52 32.09 -5.99
N ILE D 226 -0.03 31.76 -4.81
CA ILE D 226 1.34 31.24 -4.70
C ILE D 226 1.46 30.10 -3.72
N ALA D 227 1.94 28.95 -4.20
CA ALA D 227 2.11 27.80 -3.31
C ALA D 227 3.19 26.82 -3.78
N THR D 228 3.94 26.27 -2.84
CA THR D 228 4.96 25.36 -3.15
C THR D 228 4.32 24.10 -3.72
N ILE D 229 4.71 23.73 -4.97
CA ILE D 229 4.45 22.38 -5.53
C ILE D 229 5.39 21.34 -4.92
N ASP D 230 6.71 21.51 -5.14
CA ASP D 230 7.69 20.56 -4.66
C ASP D 230 8.88 21.24 -4.01
N HIS D 231 9.50 20.54 -3.07
CA HIS D 231 10.64 20.99 -2.31
C HIS D 231 11.63 19.87 -2.08
N SER D 232 12.89 20.11 -2.45
CA SER D 232 13.95 19.12 -2.33
C SER D 232 15.23 19.76 -1.78
N MET D 233 15.99 18.96 -1.06
CA MET D 233 17.19 19.38 -0.36
C MET D 233 18.24 18.32 -0.29
N TRP D 234 19.50 18.80 -0.35
CA TRP D 234 20.67 17.96 -0.17
C TRP D 234 21.54 18.54 0.90
N PHE D 235 21.81 17.77 1.94
CA PHE D 235 22.68 18.14 3.04
C PHE D 235 24.10 17.66 2.76
N HIS D 236 24.92 18.58 2.26
CA HIS D 236 26.27 18.17 1.86
C HIS D 236 27.22 17.95 2.99
N ARG D 237 27.14 18.82 4.00
CA ARG D 237 28.11 18.86 5.05
C ARG D 237 27.52 19.13 6.44
N PRO D 238 28.20 18.71 7.51
CA PRO D 238 27.76 19.11 8.85
C PRO D 238 27.73 20.64 8.98
N PHE D 239 27.01 21.13 9.99
CA PHE D 239 26.82 22.59 10.20
C PHE D 239 26.11 22.81 11.57
N ARG D 240 26.08 24.07 12.00
CA ARG D 240 25.33 24.55 13.17
C ARG D 240 24.45 25.73 12.73
N LEU D 241 23.21 25.78 13.21
CA LEU D 241 22.30 26.90 12.94
C LEU D 241 22.31 27.95 14.10
N ASP D 242 23.15 27.74 15.12
CA ASP D 242 23.48 28.75 16.13
C ASP D 242 24.73 29.61 15.78
N ASP D 243 25.08 29.65 14.50
CA ASP D 243 25.97 30.66 13.95
C ASP D 243 25.41 31.04 12.59
N TRP D 244 25.83 32.16 12.05
CA TRP D 244 25.26 32.68 10.81
C TRP D 244 25.42 31.74 9.58
N LEU D 245 24.33 31.59 8.81
CA LEU D 245 24.30 30.91 7.54
C LEU D 245 23.72 31.85 6.52
N LEU D 246 24.18 31.77 5.28
CA LEU D 246 23.68 32.59 4.21
C LEU D 246 22.83 31.75 3.29
N TYR D 247 21.59 32.20 3.01
CA TYR D 247 20.74 31.55 2.00
C TYR D 247 20.84 32.27 0.71
N ALA D 248 21.44 31.63 -0.31
CA ALA D 248 21.64 32.23 -1.56
C ALA D 248 20.70 31.65 -2.59
N VAL D 249 19.83 32.46 -3.15
CA VAL D 249 18.68 31.97 -3.90
C VAL D 249 18.57 32.66 -5.20
N GLU D 250 18.31 31.91 -6.26
CA GLU D 250 18.11 32.47 -7.56
C GLU D 250 16.85 31.87 -8.10
N SER D 251 16.05 32.62 -8.87
CA SER D 251 15.06 32.00 -9.71
C SER D 251 15.55 31.99 -11.16
N THR D 252 15.83 30.80 -11.70
CA THR D 252 16.38 30.63 -13.04
C THR D 252 15.30 30.60 -14.07
N SER D 253 14.05 30.47 -13.63
CA SER D 253 12.98 30.35 -14.59
C SER D 253 11.57 30.62 -14.01
N ALA D 254 10.70 31.13 -14.84
CA ALA D 254 9.27 31.12 -14.53
C ALA D 254 8.59 30.97 -15.84
N SER D 255 7.55 30.14 -15.86
CA SER D 255 6.81 29.86 -17.11
C SER D 255 5.55 28.94 -16.75
N GLY D 256 4.45 29.03 -17.50
CA GLY D 256 3.18 28.32 -17.13
C GLY D 256 2.67 28.27 -15.67
N ALA D 257 2.66 29.41 -14.95
CA ALA D 257 2.08 29.54 -13.59
C ALA D 257 2.93 28.91 -12.55
N ARG D 258 4.14 28.55 -12.96
CA ARG D 258 5.12 28.02 -12.04
C ARG D 258 6.32 28.96 -12.07
N GLY D 259 7.02 29.02 -10.95
CA GLY D 259 8.28 29.70 -10.86
C GLY D 259 9.19 28.66 -10.27
N PHE D 260 10.46 28.75 -10.62
CA PHE D 260 11.48 27.79 -10.19
C PHE D 260 12.59 28.53 -9.50
N VAL D 261 12.90 28.11 -8.29
CA VAL D 261 14.06 28.58 -7.56
C VAL D 261 15.04 27.46 -7.23
N ARG D 262 16.32 27.83 -7.19
CA ARG D 262 17.38 27.04 -6.63
C ARG D 262 18.10 27.84 -5.53
N GLY D 263 18.45 27.15 -4.47
CA GLY D 263 19.18 27.73 -3.39
C GLY D 263 20.41 27.01 -2.95
N GLN D 264 21.33 27.76 -2.37
CA GLN D 264 22.47 27.17 -1.70
C GLN D 264 22.72 27.83 -0.39
N ILE D 265 23.05 27.04 0.61
CA ILE D 265 23.26 27.53 1.97
C ILE D 265 24.70 27.34 2.39
N TYR D 266 25.36 28.47 2.65
CA TYR D 266 26.75 28.50 3.11
C TYR D 266 26.83 28.96 4.53
N ASN D 267 27.81 28.49 5.25
CA ASN D 267 28.04 29.01 6.60
C ASN D 267 28.94 30.27 6.57
N ARG D 268 29.20 30.81 7.74
CA ARG D 268 29.84 32.13 7.85
C ARG D 268 31.18 32.10 7.12
N GLU D 269 31.92 31.01 7.32
CA GLU D 269 33.23 30.87 6.72
C GLU D 269 33.20 30.40 5.23
N GLY D 270 32.06 30.46 4.59
CA GLY D 270 31.97 30.16 3.15
C GLY D 270 31.76 28.67 2.76
N VAL D 271 31.66 27.78 3.74
CA VAL D 271 31.42 26.31 3.50
C VAL D 271 29.97 26.06 2.99
N LEU D 272 29.87 25.28 1.91
CA LEU D 272 28.56 24.97 1.33
C LEU D 272 27.96 23.77 2.09
N VAL D 273 26.88 24.01 2.80
CA VAL D 273 26.31 23.00 3.70
C VAL D 273 25.10 22.25 3.13
N ALA D 274 24.31 22.90 2.26
CA ALA D 274 23.08 22.35 1.67
C ALA D 274 22.73 23.06 0.40
N SER D 275 22.05 22.37 -0.49
CA SER D 275 21.41 22.97 -1.67
C SER D 275 19.90 22.65 -1.70
N THR D 276 19.10 23.53 -2.31
CA THR D 276 17.67 23.35 -2.43
C THR D 276 17.11 23.63 -3.78
N VAL D 277 15.95 23.03 -4.05
CA VAL D 277 15.27 23.32 -5.27
C VAL D 277 13.75 23.30 -5.04
N GLN D 278 12.97 24.20 -5.65
CA GLN D 278 11.51 24.26 -5.44
C GLN D 278 10.84 24.82 -6.65
N GLU D 279 9.74 24.19 -7.01
CA GLU D 279 8.85 24.76 -7.97
C GLU D 279 7.51 25.03 -7.24
N GLY D 280 6.85 26.12 -7.64
CA GLY D 280 5.63 26.57 -6.93
C GLY D 280 4.68 27.20 -7.92
N VAL D 281 3.41 27.27 -7.56
CA VAL D 281 2.44 27.91 -8.42
C VAL D 281 2.66 29.36 -8.16
N ILE D 282 2.70 30.19 -9.19
CA ILE D 282 2.66 31.67 -9.03
C ILE D 282 1.68 32.17 -10.09
N ARG D 283 0.51 32.62 -9.63
CA ARG D 283 -0.63 32.92 -10.53
C ARG D 283 -1.30 34.25 -10.19
N LEU D 284 -1.66 35.02 -11.23
CA LEU D 284 -2.36 36.32 -11.10
C LEU D 284 -3.87 36.15 -11.35
N HIS D 285 -4.69 36.26 -10.30
CA HIS D 285 -6.16 36.15 -10.48
C HIS D 285 -6.75 37.41 -11.13
#